data_5AMS
#
_entry.id   5AMS
#
_cell.length_a   165.999
_cell.length_b   165.999
_cell.length_c   95.351
_cell.angle_alpha   90.00
_cell.angle_beta   90.00
_cell.angle_gamma   120.00
#
_symmetry.space_group_name_H-M   'P 32 2 1'
#
loop_
_entity.id
_entity.type
_entity.pdbx_description
1 polymer 'RIBOSOME ASSEMBLY PROTEIN SQT1'
2 water water
#
_entity_poly.entity_id   1
_entity_poly.type   'polypeptide(L)'
_entity_poly.pdbx_seq_one_letter_code
;MEPQEEFITTEEVEQEIVPTVEVEQDVPVDIEGENDDDDEMMNDDEEALEVDMSNNSLTYFDKHTDSVFAIGHHPNLPLV
CTGGGDNLAHLWTSHSQPPKFAGTLTGYGESVISCSFTSEGGFLVTADMSGKVLVHMGQKGGAQWKLASQMQEVEEIVWL
KTHPTIARTFAFGATDGSVWCYQINEQDGSLEQLMSGFVHQQDCSMGEFINTDKGENTLELVTCSLDSTIVAWNCFTGQQ
LFKITQAEIKGLEAPWISLSLAPETLTKGNSGVVACGSNNGLLAVINCNNGGAILHLSTVIELKPEQDELDASIESISWS
SKFSLMAIGLVCGEILLYDTSAWRVRHKFVLEDSVTKLMFDNDDLFASCINGKVYQFNARTGQEKFVCVGHNMGVLDFIL
LHPVANTGTEQKRKVITAGDEGVSLVFEVPN
;
_entity_poly.pdbx_strand_id   A,B
#
# COMPACT_ATOMS: atom_id res chain seq x y z
N GLU A 22 19.74 7.49 49.11
CA GLU A 22 18.64 7.36 48.15
C GLU A 22 18.71 6.05 47.28
N VAL A 23 17.96 6.00 46.09
CA VAL A 23 17.75 4.86 45.14
C VAL A 23 18.99 4.20 44.43
N GLU A 24 19.16 2.88 44.72
CA GLU A 24 20.12 1.88 44.23
C GLU A 24 19.35 0.54 44.23
N GLN A 25 18.14 0.57 44.83
CA GLN A 25 17.26 -0.57 44.93
C GLN A 25 16.02 -0.55 44.06
N ASP A 26 15.83 -1.67 43.34
CA ASP A 26 14.71 -1.90 42.44
C ASP A 26 13.41 -1.91 43.26
N VAL A 27 12.42 -1.13 42.85
CA VAL A 27 11.15 -1.13 43.55
C VAL A 27 9.97 -1.61 42.62
N PRO A 28 10.04 -2.80 41.95
CA PRO A 28 8.93 -3.20 41.06
C PRO A 28 7.61 -3.53 41.72
N VAL A 29 6.56 -3.34 40.93
CA VAL A 29 5.16 -3.58 41.27
C VAL A 29 4.64 -4.47 40.12
N ASP A 30 3.37 -4.95 40.20
CA ASP A 30 2.63 -5.72 39.16
C ASP A 30 1.10 -5.33 39.05
N ILE A 31 0.36 -5.55 37.92
CA ILE A 31 0.48 -6.32 36.66
C ILE A 31 0.16 -7.84 36.90
N GLU A 32 -0.30 -8.18 38.14
CA GLU A 32 -0.74 -9.53 38.56
C GLU A 32 -1.50 -10.30 37.45
N GLY A 33 -1.08 -11.54 37.19
CA GLY A 33 -1.58 -12.41 36.13
C GLY A 33 -3.08 -12.58 36.02
N GLU A 34 -3.76 -11.60 35.39
CA GLU A 34 -5.20 -11.54 35.15
C GLU A 34 -5.50 -10.56 34.00
N MET A 53 -15.96 -13.99 27.33
CA MET A 53 -14.63 -14.28 27.88
C MET A 53 -14.01 -13.09 28.66
N SER A 54 -14.56 -11.85 28.45
CA SER A 54 -14.12 -10.56 29.01
C SER A 54 -12.71 -10.12 28.49
N ASN A 55 -12.55 -8.95 27.81
CA ASN A 55 -13.51 -7.86 27.47
C ASN A 55 -14.21 -7.07 28.58
N ASN A 56 -13.78 -5.81 28.78
CA ASN A 56 -14.41 -4.85 29.69
C ASN A 56 -14.83 -3.63 28.90
N SER A 57 -14.72 -3.75 27.56
CA SER A 57 -15.07 -2.73 26.59
C SER A 57 -16.54 -2.30 26.69
N LEU A 58 -16.74 -1.02 26.33
CA LEU A 58 -17.99 -0.29 26.30
C LEU A 58 -18.59 -0.32 24.89
N THR A 59 -17.79 -0.02 23.83
CA THR A 59 -18.19 -0.06 22.40
C THR A 59 -16.97 -0.31 21.46
N TYR A 60 -17.14 -0.24 20.10
CA TYR A 60 -16.01 -0.54 19.21
C TYR A 60 -16.04 -0.02 17.76
N PHE A 61 -14.92 -0.20 17.03
CA PHE A 61 -14.81 0.16 15.63
C PHE A 61 -14.01 -0.81 14.72
N ASP A 62 -14.73 -1.62 13.96
CA ASP A 62 -14.02 -2.57 13.12
C ASP A 62 -14.05 -2.31 11.62
N LYS A 63 -14.02 -1.06 11.19
CA LYS A 63 -14.04 -0.91 9.72
C LYS A 63 -12.70 -1.23 9.04
N HIS A 64 -11.62 -1.32 9.84
CA HIS A 64 -10.33 -1.64 9.29
C HIS A 64 -10.16 -3.14 8.97
N THR A 65 -9.69 -3.42 7.73
CA THR A 65 -9.48 -4.78 7.15
C THR A 65 -7.96 -5.17 7.14
N ASP A 66 -7.26 -4.68 8.19
CA ASP A 66 -5.85 -4.82 8.56
C ASP A 66 -5.66 -3.88 9.75
N SER A 67 -4.45 -3.92 10.35
CA SER A 67 -3.95 -3.19 11.52
C SER A 67 -4.38 -1.73 11.60
N VAL A 68 -4.78 -1.24 12.80
CA VAL A 68 -5.12 0.17 13.02
C VAL A 68 -3.80 0.86 13.45
N PHE A 69 -3.16 1.60 12.54
CA PHE A 69 -1.88 2.22 12.84
C PHE A 69 -1.95 3.51 13.58
N ALA A 70 -2.63 4.47 12.99
CA ALA A 70 -2.78 5.80 13.55
C ALA A 70 -4.09 5.99 14.26
N ILE A 71 -4.07 6.77 15.33
CA ILE A 71 -5.30 7.17 16.01
C ILE A 71 -5.17 8.64 16.37
N GLY A 72 -6.21 9.40 16.01
CA GLY A 72 -6.30 10.83 16.28
C GLY A 72 -7.68 11.24 16.77
N HIS A 73 -7.78 12.46 17.32
CA HIS A 73 -9.03 12.99 17.82
C HIS A 73 -9.09 14.48 17.66
N HIS A 74 -10.29 14.99 17.34
CA HIS A 74 -10.59 16.40 17.14
C HIS A 74 -10.48 17.12 18.46
N PRO A 75 -9.86 18.32 18.47
CA PRO A 75 -9.75 19.08 19.72
C PRO A 75 -11.09 19.32 20.43
N ASN A 76 -12.12 19.76 19.68
CA ASN A 76 -13.40 20.13 20.23
C ASN A 76 -14.54 19.18 19.95
N LEU A 77 -14.59 18.61 18.75
CA LEU A 77 -15.64 17.67 18.38
C LEU A 77 -15.40 16.26 18.92
N PRO A 78 -16.48 15.47 19.21
CA PRO A 78 -16.30 14.08 19.66
C PRO A 78 -16.12 13.15 18.43
N LEU A 79 -15.16 13.52 17.58
CA LEU A 79 -14.81 12.87 16.33
C LEU A 79 -13.44 12.19 16.42
N VAL A 80 -13.43 10.88 16.19
CA VAL A 80 -12.21 10.08 16.22
C VAL A 80 -11.75 9.83 14.81
N CYS A 81 -10.44 9.72 14.64
CA CYS A 81 -9.93 9.33 13.36
C CYS A 81 -8.93 8.21 13.45
N THR A 82 -9.23 7.10 12.75
CA THR A 82 -8.34 5.94 12.69
C THR A 82 -7.70 5.82 11.29
N GLY A 83 -6.40 5.49 11.30
CA GLY A 83 -5.58 5.22 10.13
C GLY A 83 -5.37 3.73 10.06
N GLY A 84 -4.86 3.20 8.95
CA GLY A 84 -4.76 1.76 8.89
C GLY A 84 -3.97 1.10 7.79
N GLY A 85 -3.68 -0.17 8.03
CA GLY A 85 -2.94 -1.08 7.16
C GLY A 85 -3.64 -1.35 5.86
N ASP A 86 -4.96 -0.98 5.79
CA ASP A 86 -5.88 -1.11 4.66
C ASP A 86 -5.93 0.14 3.76
N ASN A 87 -4.92 1.05 3.90
CA ASN A 87 -4.77 2.29 3.12
C ASN A 87 -6.01 3.21 3.23
N LEU A 88 -6.56 3.27 4.44
CA LEU A 88 -7.77 4.05 4.70
C LEU A 88 -7.73 4.74 6.02
N ALA A 89 -8.42 5.88 6.09
CA ALA A 89 -8.61 6.61 7.31
C ALA A 89 -10.11 6.72 7.47
N HIS A 90 -10.59 6.29 8.63
CA HIS A 90 -12.01 6.30 8.95
C HIS A 90 -12.32 7.29 10.04
N LEU A 91 -13.49 7.95 9.92
CA LEU A 91 -13.97 8.90 10.92
C LEU A 91 -15.16 8.27 11.60
N TRP A 92 -15.31 8.54 12.91
CA TRP A 92 -16.39 7.99 13.72
C TRP A 92 -16.45 8.63 15.06
N THR A 93 -17.63 8.62 15.69
CA THR A 93 -17.84 9.28 16.99
C THR A 93 -17.43 8.51 18.24
N SER A 94 -16.95 9.28 19.23
CA SER A 94 -16.49 8.81 20.52
C SER A 94 -17.61 8.78 21.54
N HIS A 95 -18.60 9.68 21.37
CA HIS A 95 -19.72 9.86 22.30
C HIS A 95 -20.80 8.80 22.24
N SER A 96 -20.97 8.15 21.09
CA SER A 96 -22.01 7.16 20.94
C SER A 96 -21.57 5.72 21.16
N GLN A 97 -22.52 4.91 21.69
CA GLN A 97 -22.39 3.47 21.94
C GLN A 97 -23.56 2.95 21.16
N PRO A 98 -23.39 2.47 19.90
CA PRO A 98 -22.15 2.24 19.13
C PRO A 98 -21.60 3.50 18.46
N PRO A 99 -20.31 3.59 18.08
CA PRO A 99 -19.82 4.82 17.41
C PRO A 99 -20.60 5.18 16.15
N LYS A 100 -20.88 6.48 15.92
CA LYS A 100 -21.59 6.93 14.72
C LYS A 100 -20.53 7.07 13.61
N PHE A 101 -20.66 6.32 12.47
CA PHE A 101 -19.68 6.33 11.39
C PHE A 101 -19.79 7.62 10.60
N ALA A 102 -18.68 8.39 10.50
CA ALA A 102 -18.67 9.72 9.86
C ALA A 102 -18.06 9.80 8.47
N GLY A 103 -17.60 8.65 7.97
CA GLY A 103 -17.04 8.58 6.63
C GLY A 103 -15.63 8.04 6.57
N THR A 104 -15.19 7.82 5.33
CA THR A 104 -13.87 7.31 5.00
C THR A 104 -13.09 8.30 4.20
N LEU A 105 -11.85 8.53 4.61
CA LEU A 105 -10.96 9.39 3.88
C LEU A 105 -10.14 8.46 3.01
N THR A 106 -10.08 8.75 1.68
CA THR A 106 -9.41 7.92 0.68
C THR A 106 -8.37 8.70 -0.11
N GLY A 107 -7.44 7.95 -0.72
CA GLY A 107 -6.34 8.48 -1.52
C GLY A 107 -4.96 8.08 -1.06
N TYR A 108 -4.90 7.14 -0.10
CA TYR A 108 -3.64 6.69 0.45
C TYR A 108 -3.04 5.62 -0.39
N GLY A 109 -1.73 5.77 -0.64
CA GLY A 109 -0.92 4.86 -1.44
C GLY A 109 -0.36 3.68 -0.68
N GLU A 110 -0.46 3.73 0.67
CA GLU A 110 -0.02 2.71 1.62
C GLU A 110 -0.73 2.90 2.97
N SER A 111 -0.14 2.34 4.04
CA SER A 111 -0.68 2.41 5.39
C SER A 111 -0.71 3.84 5.95
N VAL A 112 -1.91 4.27 6.39
CA VAL A 112 -2.10 5.56 7.03
C VAL A 112 -1.43 5.42 8.37
N ILE A 113 -0.31 6.11 8.51
CA ILE A 113 0.51 6.07 9.72
C ILE A 113 0.37 7.32 10.62
N SER A 114 -0.54 8.29 10.28
CA SER A 114 -0.85 9.47 11.10
C SER A 114 -2.17 10.19 10.82
N CYS A 115 -2.99 10.33 11.88
CA CYS A 115 -4.25 11.07 11.88
C CYS A 115 -4.05 12.19 12.89
N SER A 116 -3.87 13.42 12.41
CA SER A 116 -3.60 14.54 13.28
C SER A 116 -4.48 15.72 12.92
N PHE A 117 -5.24 16.23 13.90
CA PHE A 117 -6.13 17.38 13.71
C PHE A 117 -5.38 18.69 13.99
N THR A 118 -5.89 19.83 13.52
CA THR A 118 -5.21 21.08 13.81
C THR A 118 -5.69 21.59 15.12
N SER A 119 -4.85 22.38 15.78
CA SER A 119 -5.11 23.00 17.08
C SER A 119 -6.54 23.56 17.21
N GLU A 120 -6.98 24.44 16.28
CA GLU A 120 -8.31 25.07 16.26
C GLU A 120 -9.43 24.14 15.75
N GLY A 121 -9.04 23.00 15.17
CA GLY A 121 -9.92 21.97 14.64
C GLY A 121 -10.81 22.44 13.52
N GLY A 122 -10.26 22.38 12.33
CA GLY A 122 -10.94 22.78 11.11
C GLY A 122 -10.17 22.24 9.92
N PHE A 123 -9.10 21.49 10.24
CA PHE A 123 -8.25 20.80 9.29
C PHE A 123 -7.79 19.47 9.86
N LEU A 124 -7.62 18.48 8.99
CA LEU A 124 -7.18 17.16 9.40
C LEU A 124 -6.06 16.68 8.49
N VAL A 125 -4.86 16.64 9.06
CA VAL A 125 -3.65 16.18 8.38
C VAL A 125 -3.56 14.65 8.46
N THR A 126 -3.32 13.99 7.31
CA THR A 126 -3.20 12.53 7.20
C THR A 126 -1.96 12.14 6.44
N ALA A 127 -1.23 11.13 6.93
CA ALA A 127 0.02 10.73 6.28
C ALA A 127 0.26 9.25 6.24
N ASP A 128 0.61 8.76 5.05
CA ASP A 128 0.89 7.36 4.79
C ASP A 128 2.35 7.07 4.48
N MET A 129 2.68 5.77 4.56
CA MET A 129 3.96 5.12 4.33
C MET A 129 4.46 5.10 2.86
N SER A 130 3.83 5.88 1.98
CA SER A 130 4.25 6.05 0.59
C SER A 130 4.64 7.53 0.41
N GLY A 131 4.66 8.25 1.53
CA GLY A 131 5.01 9.65 1.55
C GLY A 131 3.89 10.61 1.20
N LYS A 132 2.64 10.10 1.04
CA LYS A 132 1.47 10.94 0.78
C LYS A 132 1.03 11.62 2.11
N VAL A 133 0.66 12.91 2.02
CA VAL A 133 0.12 13.74 3.10
C VAL A 133 -1.19 14.29 2.53
N LEU A 134 -2.25 14.30 3.35
CA LEU A 134 -3.56 14.77 2.90
C LEU A 134 -4.19 15.74 3.89
N VAL A 135 -4.76 16.85 3.35
CA VAL A 135 -5.43 17.86 4.16
C VAL A 135 -6.90 17.91 3.87
N HIS A 136 -7.68 17.61 4.89
CA HIS A 136 -9.11 17.61 4.85
C HIS A 136 -9.63 18.79 5.66
N MET A 137 -10.54 19.56 5.07
CA MET A 137 -11.08 20.76 5.69
C MET A 137 -12.43 20.48 6.32
N GLY A 138 -12.57 20.81 7.59
CA GLY A 138 -13.82 20.67 8.32
C GLY A 138 -14.89 21.56 7.71
N GLN A 139 -15.87 20.90 7.10
CA GLN A 139 -16.99 21.56 6.46
C GLN A 139 -18.27 21.19 7.20
N LYS A 140 -19.35 22.00 7.00
CA LYS A 140 -20.68 21.83 7.58
C LYS A 140 -20.64 21.39 9.05
N GLY A 141 -20.11 22.29 9.89
CA GLY A 141 -20.00 22.08 11.33
C GLY A 141 -19.04 21.02 11.82
N GLY A 142 -18.25 20.46 10.91
CA GLY A 142 -17.28 19.43 11.25
C GLY A 142 -17.78 18.03 10.98
N ALA A 143 -18.90 17.95 10.23
CA ALA A 143 -19.52 16.71 9.83
C ALA A 143 -18.75 16.27 8.60
N GLN A 144 -18.87 17.03 7.48
CA GLN A 144 -18.15 16.74 6.24
C GLN A 144 -16.68 17.17 6.39
N TRP A 145 -15.74 16.45 5.71
CA TRP A 145 -14.31 16.75 5.72
C TRP A 145 -13.67 16.70 4.31
N LYS A 146 -14.10 17.65 3.43
CA LYS A 146 -13.67 17.82 2.05
C LYS A 146 -12.12 17.82 1.93
N LEU A 147 -11.59 17.13 0.87
CA LEU A 147 -10.15 17.10 0.63
C LEU A 147 -9.69 18.45 0.10
N ALA A 148 -8.92 19.16 0.92
CA ALA A 148 -8.43 20.50 0.59
C ALA A 148 -7.19 20.51 -0.29
N SER A 149 -6.15 19.76 0.12
CA SER A 149 -4.87 19.66 -0.58
C SER A 149 -4.17 18.34 -0.21
N GLN A 150 -3.05 18.07 -0.90
CA GLN A 150 -2.23 16.89 -0.69
C GLN A 150 -0.85 17.05 -1.34
N MET A 151 0.11 16.21 -0.94
CA MET A 151 1.49 16.21 -1.45
C MET A 151 2.13 14.80 -1.36
N GLN A 152 3.23 14.54 -2.13
CA GLN A 152 3.99 13.27 -2.04
C GLN A 152 5.50 13.55 -2.13
N GLU A 153 5.96 14.38 -1.17
CA GLU A 153 7.32 14.90 -1.06
C GLU A 153 8.41 13.91 -0.70
N VAL A 154 8.05 12.80 -0.05
CA VAL A 154 9.03 11.78 0.35
C VAL A 154 8.63 10.39 -0.04
N GLU A 155 9.55 9.41 0.09
CA GLU A 155 9.27 8.01 -0.27
C GLU A 155 8.45 7.32 0.82
N GLU A 156 8.61 7.76 2.06
CA GLU A 156 7.89 7.23 3.21
C GLU A 156 8.00 8.20 4.37
N ILE A 157 6.86 8.53 4.97
CA ILE A 157 6.77 9.35 6.17
C ILE A 157 6.91 8.37 7.35
N VAL A 158 7.68 8.79 8.36
CA VAL A 158 7.97 8.02 9.56
C VAL A 158 7.05 8.52 10.70
N TRP A 159 6.58 9.77 10.65
CA TRP A 159 5.73 10.36 11.67
C TRP A 159 5.29 11.74 11.20
N LEU A 160 4.17 12.22 11.73
CA LEU A 160 3.63 13.54 11.42
C LEU A 160 2.76 13.92 12.58
N LYS A 161 3.04 15.07 13.20
CA LYS A 161 2.25 15.60 14.29
C LYS A 161 1.78 16.97 13.83
N THR A 162 0.79 17.56 14.51
CA THR A 162 0.30 18.92 14.25
C THR A 162 0.64 19.80 15.45
N HIS A 163 0.79 21.12 15.27
CA HIS A 163 1.13 21.98 16.41
C HIS A 163 0.08 21.99 17.49
N PRO A 164 0.50 21.72 18.74
CA PRO A 164 -0.46 21.61 19.85
C PRO A 164 -1.17 22.87 20.23
N THR A 165 -0.59 24.02 19.89
CA THR A 165 -1.19 25.30 20.24
C THR A 165 -1.38 26.15 19.01
N ILE A 166 -0.33 26.30 18.19
CA ILE A 166 -0.34 27.10 16.96
C ILE A 166 -1.31 26.53 15.92
N ALA A 167 -2.35 27.30 15.58
CA ALA A 167 -3.39 26.89 14.64
C ALA A 167 -2.83 26.53 13.26
N ARG A 168 -3.55 25.64 12.52
CA ARG A 168 -3.27 25.21 11.15
C ARG A 168 -1.79 24.92 10.81
N THR A 169 -1.04 24.32 11.75
CA THR A 169 0.38 24.00 11.56
C THR A 169 0.67 22.52 11.79
N PHE A 170 1.56 21.91 10.96
CA PHE A 170 2.02 20.51 11.12
C PHE A 170 3.47 20.29 10.64
N ALA A 171 4.05 19.14 11.01
CA ALA A 171 5.42 18.79 10.63
C ALA A 171 5.56 17.30 10.53
N PHE A 172 6.40 16.83 9.61
CA PHE A 172 6.64 15.39 9.41
C PHE A 172 8.09 15.02 9.07
N GLY A 173 8.48 13.80 9.42
CA GLY A 173 9.82 13.29 9.16
C GLY A 173 9.78 12.04 8.30
N ALA A 174 10.75 11.93 7.36
CA ALA A 174 10.88 10.83 6.41
C ALA A 174 12.05 9.86 6.60
N THR A 175 12.03 8.77 5.83
CA THR A 175 13.02 7.69 5.80
C THR A 175 14.41 8.12 5.27
N ASP A 176 14.47 9.28 4.56
CA ASP A 176 15.70 9.91 4.05
C ASP A 176 16.32 10.90 5.07
N GLY A 177 15.64 11.06 6.22
CA GLY A 177 16.05 11.94 7.31
C GLY A 177 15.65 13.40 7.13
N SER A 178 14.76 13.65 6.15
CA SER A 178 14.30 15.00 5.91
C SER A 178 13.21 15.40 6.88
N VAL A 179 13.25 16.66 7.29
CA VAL A 179 12.28 17.24 8.20
C VAL A 179 11.54 18.32 7.42
N TRP A 180 10.21 18.26 7.45
CA TRP A 180 9.33 19.20 6.74
C TRP A 180 8.37 19.85 7.69
N CYS A 181 8.08 21.14 7.44
CA CYS A 181 7.13 21.87 8.24
C CYS A 181 6.24 22.67 7.33
N TYR A 182 4.93 22.47 7.50
CA TYR A 182 3.93 23.11 6.68
C TYR A 182 2.86 23.82 7.48
N GLN A 183 2.20 24.74 6.80
CA GLN A 183 1.09 25.47 7.33
C GLN A 183 -0.06 25.37 6.36
N ILE A 184 -1.28 25.36 6.91
CA ILE A 184 -2.50 25.22 6.13
C ILE A 184 -3.20 26.57 6.05
N ASN A 185 -3.50 27.03 4.82
CA ASN A 185 -4.19 28.31 4.62
C ASN A 185 -5.64 28.19 5.10
N GLU A 186 -6.03 29.08 6.03
CA GLU A 186 -7.34 29.12 6.68
C GLU A 186 -8.56 29.16 5.73
N GLN A 187 -8.41 29.82 4.56
CA GLN A 187 -9.44 30.04 3.55
C GLN A 187 -9.90 28.80 2.83
N ASP A 188 -8.96 28.11 2.15
CA ASP A 188 -9.17 26.92 1.29
C ASP A 188 -8.53 25.60 1.77
N GLY A 189 -7.39 25.73 2.44
CA GLY A 189 -6.59 24.61 2.88
C GLY A 189 -5.44 24.33 1.93
N SER A 190 -4.90 25.37 1.26
CA SER A 190 -3.76 25.19 0.37
C SER A 190 -2.50 25.01 1.24
N LEU A 191 -1.56 24.18 0.78
CA LEU A 191 -0.36 23.94 1.56
C LEU A 191 0.63 25.12 1.48
N GLU A 192 1.39 25.30 2.56
CA GLU A 192 2.40 26.34 2.66
C GLU A 192 3.64 25.75 3.33
N GLN A 193 4.72 25.50 2.56
CA GLN A 193 5.98 24.92 3.10
C GLN A 193 6.79 25.99 3.86
N LEU A 194 7.27 25.64 5.07
CA LEU A 194 8.08 26.53 5.92
C LEU A 194 9.57 26.18 5.84
N MET A 195 9.87 24.88 5.91
CA MET A 195 11.21 24.34 5.82
C MET A 195 11.16 22.97 5.20
N SER A 196 12.31 22.52 4.70
CA SER A 196 12.46 21.22 4.04
C SER A 196 13.92 20.76 4.27
N GLY A 197 14.28 20.55 5.55
CA GLY A 197 15.62 20.22 5.98
C GLY A 197 16.10 18.78 5.87
N PHE A 198 17.16 18.59 5.05
CA PHE A 198 17.78 17.28 4.81
C PHE A 198 19.07 17.12 5.63
N VAL A 199 18.97 17.39 6.94
CA VAL A 199 20.11 17.31 7.85
C VAL A 199 20.42 15.87 8.26
N HIS A 200 19.42 15.12 8.78
CA HIS A 200 19.65 13.74 9.26
C HIS A 200 20.17 12.81 8.16
N GLN A 201 21.02 11.84 8.57
CA GLN A 201 21.62 10.88 7.64
C GLN A 201 20.76 9.62 7.47
N GLN A 202 20.30 9.03 8.60
CA GLN A 202 19.41 7.87 8.61
C GLN A 202 17.96 8.36 8.54
N ASP A 203 17.00 7.52 8.87
CA ASP A 203 15.60 7.90 8.85
C ASP A 203 15.31 8.86 9.98
N CYS A 204 14.49 9.88 9.77
CA CYS A 204 14.13 10.78 10.85
C CYS A 204 13.02 10.07 11.60
N SER A 205 13.37 9.50 12.76
CA SER A 205 12.51 8.67 13.61
C SER A 205 11.26 9.27 14.26
N MET A 206 11.39 10.48 14.83
CA MET A 206 10.35 11.16 15.61
C MET A 206 10.70 12.66 15.70
N GLY A 207 9.74 13.45 16.16
CA GLY A 207 9.84 14.89 16.34
C GLY A 207 8.78 15.40 17.27
N GLU A 208 8.97 16.58 17.86
CA GLU A 208 8.01 17.15 18.79
C GLU A 208 8.13 18.64 18.76
N PHE A 209 7.00 19.35 18.80
CA PHE A 209 7.13 20.81 18.82
C PHE A 209 7.46 21.24 20.24
N ILE A 210 8.24 22.34 20.42
CA ILE A 210 8.67 22.92 21.72
C ILE A 210 8.34 24.40 21.79
N ASN A 211 8.43 24.99 23.00
CA ASN A 211 8.17 26.42 23.24
C ASN A 211 6.81 26.80 22.63
N THR A 212 5.84 25.92 22.91
CA THR A 212 4.47 25.91 22.43
C THR A 212 3.69 27.06 23.04
N ASP A 213 3.83 27.17 24.35
CA ASP A 213 3.25 28.19 25.21
C ASP A 213 3.88 29.55 25.02
N LYS A 214 5.08 29.60 24.39
CA LYS A 214 5.82 30.84 24.18
C LYS A 214 5.46 31.61 22.87
N GLY A 215 4.19 31.56 22.46
CA GLY A 215 3.69 32.33 21.32
C GLY A 215 3.37 31.58 20.05
N GLU A 216 2.76 32.32 19.07
CA GLU A 216 2.35 31.84 17.73
C GLU A 216 3.33 32.24 16.63
N ASN A 217 4.36 33.04 16.98
CA ASN A 217 5.43 33.48 16.08
C ASN A 217 6.75 32.78 16.47
N THR A 218 6.63 31.79 17.35
CA THR A 218 7.72 31.02 17.93
C THR A 218 7.42 29.56 17.63
N LEU A 219 7.82 29.12 16.42
CA LEU A 219 7.60 27.75 15.96
C LEU A 219 8.88 26.97 16.10
N GLU A 220 8.98 26.21 17.17
CA GLU A 220 10.18 25.43 17.34
C GLU A 220 9.90 23.96 17.26
N LEU A 221 10.81 23.20 16.62
CA LEU A 221 10.65 21.76 16.47
C LEU A 221 11.95 21.02 16.70
N VAL A 222 11.88 19.91 17.47
CA VAL A 222 13.02 19.05 17.74
C VAL A 222 12.76 17.71 17.04
N THR A 223 13.72 17.26 16.21
CA THR A 223 13.65 15.99 15.47
C THR A 223 14.85 15.07 15.79
N CYS A 224 14.63 13.74 15.73
CA CYS A 224 15.71 12.77 15.99
C CYS A 224 15.85 11.72 14.88
N SER A 225 17.04 11.08 14.79
CA SER A 225 17.32 10.07 13.76
C SER A 225 18.20 8.93 14.24
N LEU A 226 18.29 7.89 13.40
CA LEU A 226 19.03 6.66 13.66
C LEU A 226 20.56 6.75 13.48
N ASP A 227 21.02 7.93 13.02
CA ASP A 227 22.45 8.25 12.87
C ASP A 227 22.86 8.98 14.16
N SER A 228 22.12 8.69 15.25
CA SER A 228 22.29 9.23 16.60
C SER A 228 22.23 10.76 16.67
N THR A 229 21.54 11.40 15.72
CA THR A 229 21.46 12.86 15.67
C THR A 229 20.13 13.44 16.12
N ILE A 230 20.20 14.62 16.80
CA ILE A 230 19.05 15.38 17.33
C ILE A 230 19.25 16.86 16.94
N VAL A 231 18.29 17.41 16.20
CA VAL A 231 18.37 18.81 15.73
C VAL A 231 17.12 19.62 16.14
N ALA A 232 17.33 20.85 16.62
CA ALA A 232 16.24 21.78 16.91
C ALA A 232 16.24 22.81 15.80
N TRP A 233 15.05 23.20 15.35
CA TRP A 233 14.90 24.09 14.21
C TRP A 233 13.95 25.25 14.47
N ASN A 234 14.15 26.37 13.73
CA ASN A 234 13.24 27.50 13.76
C ASN A 234 12.49 27.31 12.49
N CYS A 235 11.38 26.56 12.60
CA CYS A 235 10.51 26.17 11.50
C CYS A 235 10.36 27.21 10.43
N PHE A 236 10.27 28.49 10.83
CA PHE A 236 10.09 29.60 9.90
C PHE A 236 11.35 29.84 9.06
N THR A 237 12.47 30.21 9.72
CA THR A 237 13.77 30.45 9.06
C THR A 237 14.35 29.16 8.46
N GLY A 238 14.01 28.03 9.09
CA GLY A 238 14.41 26.69 8.70
C GLY A 238 15.79 26.25 9.17
N GLN A 239 16.55 27.13 9.85
CA GLN A 239 17.91 26.77 10.27
C GLN A 239 18.03 25.99 11.58
N GLN A 240 19.07 25.13 11.67
CA GLN A 240 19.43 24.31 12.82
C GLN A 240 19.80 25.24 13.98
N LEU A 241 18.98 25.22 15.03
CA LEU A 241 19.22 25.98 16.26
C LEU A 241 20.48 25.34 16.89
N PHE A 242 20.42 24.00 17.09
CA PHE A 242 21.52 23.19 17.57
C PHE A 242 21.44 21.83 16.89
N LYS A 243 22.52 21.03 16.93
CA LYS A 243 22.58 19.66 16.39
C LYS A 243 23.48 18.78 17.29
N ILE A 244 22.87 17.80 18.00
CA ILE A 244 23.59 16.86 18.86
C ILE A 244 23.99 15.68 17.98
N THR A 245 25.27 15.32 18.01
CA THR A 245 25.78 14.17 17.26
C THR A 245 26.38 13.20 18.28
N GLN A 246 26.88 12.04 17.80
CA GLN A 246 27.54 11.00 18.61
C GLN A 246 28.62 11.60 19.56
N ALA A 247 29.37 12.59 19.04
CA ALA A 247 30.42 13.30 19.76
C ALA A 247 29.96 13.88 21.11
N GLU A 248 28.80 14.57 21.13
CA GLU A 248 28.26 15.23 22.33
C GLU A 248 27.72 14.27 23.39
N ILE A 249 27.58 12.97 23.04
CA ILE A 249 27.09 11.94 23.97
C ILE A 249 28.12 10.83 24.23
N LYS A 250 29.24 11.16 24.92
CA LYS A 250 30.36 10.25 25.28
C LYS A 250 30.83 9.34 24.10
N GLY A 251 30.62 9.80 22.86
CA GLY A 251 30.99 9.07 21.65
C GLY A 251 29.97 8.05 21.19
N LEU A 252 29.24 7.43 22.18
CA LEU A 252 28.19 6.38 22.08
C LEU A 252 27.29 6.40 20.84
N GLU A 253 27.12 5.20 20.22
CA GLU A 253 26.27 4.99 19.03
C GLU A 253 24.83 4.84 19.54
N ALA A 254 23.97 5.86 19.35
CA ALA A 254 22.59 5.83 19.86
C ALA A 254 21.47 6.15 18.84
N PRO A 255 20.98 5.15 18.05
CA PRO A 255 19.90 5.41 17.08
C PRO A 255 18.60 5.74 17.82
N TRP A 256 18.19 7.00 17.72
CA TRP A 256 17.04 7.55 18.43
C TRP A 256 15.71 7.06 17.95
N ILE A 257 14.74 6.92 18.88
CA ILE A 257 13.39 6.44 18.57
C ILE A 257 12.22 7.27 19.13
N SER A 258 12.31 7.79 20.36
CA SER A 258 11.19 8.58 20.89
C SER A 258 11.64 9.87 21.54
N LEU A 259 10.76 10.90 21.46
CA LEU A 259 10.95 12.24 22.06
C LEU A 259 9.67 12.63 22.84
N SER A 260 9.83 13.41 23.90
CA SER A 260 8.71 13.87 24.72
C SER A 260 9.02 15.21 25.39
N LEU A 261 8.11 16.18 25.24
CA LEU A 261 8.33 17.49 25.85
C LEU A 261 7.82 17.56 27.29
N ALA A 262 8.68 17.99 28.19
CA ALA A 262 8.29 18.19 29.56
C ALA A 262 7.46 19.46 29.67
N PRO A 263 6.24 19.38 30.25
CA PRO A 263 5.45 20.61 30.46
C PRO A 263 6.12 21.56 31.47
N GLU A 264 5.86 22.89 31.37
CA GLU A 264 6.35 24.06 32.19
C GLU A 264 6.19 23.91 33.74
N THR A 265 5.43 22.88 34.18
CA THR A 265 5.10 22.51 35.56
C THR A 265 6.13 21.60 36.32
N LEU A 266 7.17 21.08 35.59
CA LEU A 266 8.30 20.28 36.14
C LEU A 266 9.67 20.79 35.63
N THR A 267 9.67 22.05 35.11
CA THR A 267 10.82 22.75 34.53
C THR A 267 10.90 24.18 35.09
N LYS A 268 9.73 24.70 35.55
CA LYS A 268 9.50 26.05 36.08
C LYS A 268 9.78 27.12 35.00
N GLY A 269 8.97 27.08 33.94
CA GLY A 269 9.07 28.02 32.84
C GLY A 269 9.86 27.53 31.64
N ASN A 270 10.60 26.40 31.78
CA ASN A 270 11.33 25.88 30.61
C ASN A 270 10.42 25.06 29.71
N SER A 271 9.99 25.72 28.65
CA SER A 271 9.11 25.21 27.63
C SER A 271 9.83 24.33 26.62
N GLY A 272 11.15 24.12 26.84
CA GLY A 272 12.02 23.35 25.97
C GLY A 272 12.81 22.22 26.60
N VAL A 273 12.16 21.41 27.42
CA VAL A 273 12.83 20.26 28.00
C VAL A 273 12.33 19.01 27.27
N VAL A 274 13.24 18.30 26.54
CA VAL A 274 12.87 17.11 25.78
C VAL A 274 13.58 15.84 26.28
N ALA A 275 12.83 14.71 26.37
CA ALA A 275 13.38 13.40 26.74
C ALA A 275 13.51 12.54 25.49
N CYS A 276 14.71 12.03 25.23
CA CYS A 276 15.04 11.21 24.07
C CYS A 276 15.45 9.83 24.49
N GLY A 277 14.95 8.83 23.79
CA GLY A 277 15.27 7.43 24.06
C GLY A 277 15.67 6.68 22.83
N SER A 278 16.83 5.98 22.91
CA SER A 278 17.40 5.20 21.79
C SER A 278 16.81 3.79 21.65
N ASN A 279 17.17 3.12 20.54
CA ASN A 279 16.75 1.73 20.31
C ASN A 279 17.61 0.76 21.14
N ASN A 280 18.74 1.23 21.71
CA ASN A 280 19.65 0.42 22.53
C ASN A 280 19.74 0.76 24.05
N GLY A 281 18.73 1.50 24.55
CA GLY A 281 18.59 1.82 25.96
C GLY A 281 19.18 3.08 26.52
N LEU A 282 19.66 3.99 25.68
CA LEU A 282 20.21 5.24 26.16
C LEU A 282 19.10 6.28 26.30
N LEU A 283 19.00 6.92 27.48
CA LEU A 283 18.03 7.96 27.73
C LEU A 283 18.72 9.32 27.94
N ALA A 284 18.40 10.30 27.07
CA ALA A 284 18.94 11.66 27.13
C ALA A 284 17.83 12.70 27.40
N VAL A 285 18.10 13.63 28.31
CA VAL A 285 17.19 14.73 28.64
C VAL A 285 17.92 16.02 28.24
N ILE A 286 17.33 16.77 27.30
CA ILE A 286 17.95 18.00 26.78
C ILE A 286 17.22 19.32 27.08
N ASN A 287 18.04 20.38 27.29
CA ASN A 287 17.63 21.75 27.56
C ASN A 287 17.72 22.47 26.21
N CYS A 288 16.65 22.31 25.40
CA CYS A 288 16.55 22.89 24.06
C CYS A 288 16.77 24.38 24.01
N ASN A 289 16.56 25.04 25.14
CA ASN A 289 16.71 26.47 25.29
C ASN A 289 18.14 26.89 25.61
N ASN A 290 19.01 25.94 26.04
CA ASN A 290 20.43 26.24 26.27
C ASN A 290 21.32 25.47 25.28
N GLY A 291 20.90 25.48 24.03
CA GLY A 291 21.60 24.81 22.93
C GLY A 291 21.74 23.31 23.10
N GLY A 292 20.65 22.66 23.48
CA GLY A 292 20.58 21.21 23.66
C GLY A 292 21.55 20.64 24.68
N ALA A 293 21.70 21.35 25.83
CA ALA A 293 22.53 20.95 26.97
C ALA A 293 21.99 19.64 27.54
N ILE A 294 22.87 18.65 27.77
CA ILE A 294 22.46 17.33 28.29
C ILE A 294 22.31 17.34 29.84
N LEU A 295 21.05 17.45 30.31
CA LEU A 295 20.71 17.50 31.73
C LEU A 295 20.89 16.14 32.41
N HIS A 296 20.63 15.07 31.65
CA HIS A 296 20.73 13.68 32.08
C HIS A 296 21.08 12.82 30.86
N LEU A 297 21.99 11.85 31.05
CA LEU A 297 22.36 10.88 30.01
C LEU A 297 22.72 9.57 30.68
N SER A 298 21.88 8.54 30.48
CA SER A 298 22.09 7.24 31.11
C SER A 298 21.46 6.10 30.37
N THR A 299 22.02 4.88 30.56
CA THR A 299 21.43 3.65 30.04
C THR A 299 20.38 3.31 31.07
N VAL A 300 19.21 2.89 30.59
CA VAL A 300 18.08 2.59 31.46
C VAL A 300 18.18 1.21 32.11
N ILE A 301 18.50 0.20 31.30
CA ILE A 301 18.67 -1.17 31.73
C ILE A 301 20.06 -1.63 31.37
N GLU A 302 20.64 -2.43 32.26
CA GLU A 302 21.94 -3.04 32.02
C GLU A 302 21.56 -4.46 31.51
N LEU A 303 21.48 -4.62 30.16
CA LEU A 303 21.12 -5.87 29.45
C LEU A 303 22.09 -7.00 29.77
N LYS A 304 21.62 -8.26 29.65
CA LYS A 304 22.45 -9.45 29.84
C LYS A 304 23.22 -9.68 28.49
N PRO A 305 24.28 -10.57 28.39
CA PRO A 305 24.96 -10.75 27.08
C PRO A 305 24.03 -11.30 25.99
N GLU A 306 23.26 -12.35 26.37
CA GLU A 306 22.25 -13.10 25.61
C GLU A 306 21.10 -12.21 25.07
N GLN A 307 20.43 -11.46 25.98
CA GLN A 307 19.30 -10.56 25.77
C GLN A 307 19.46 -9.73 24.50
N ASP A 308 18.37 -9.65 23.68
CA ASP A 308 18.35 -8.86 22.45
C ASP A 308 18.64 -7.39 22.80
N GLU A 309 19.65 -6.81 22.11
CA GLU A 309 20.16 -5.45 22.26
C GLU A 309 19.03 -4.44 22.09
N LEU A 310 18.05 -4.83 21.25
CA LEU A 310 16.79 -4.18 20.93
C LEU A 310 15.93 -4.07 22.20
N ASP A 311 15.81 -5.15 23.02
CA ASP A 311 14.99 -5.19 24.25
C ASP A 311 15.13 -3.98 25.20
N ALA A 312 16.22 -3.22 25.02
CA ALA A 312 16.51 -2.00 25.76
C ALA A 312 15.84 -0.76 25.11
N SER A 313 15.30 -0.91 23.88
CA SER A 313 14.63 0.13 23.08
C SER A 313 13.58 0.89 23.86
N ILE A 314 13.77 2.20 23.98
CA ILE A 314 12.84 3.05 24.70
C ILE A 314 11.72 3.45 23.76
N GLU A 315 10.74 2.53 23.60
CA GLU A 315 9.60 2.69 22.72
C GLU A 315 8.61 3.86 22.99
N SER A 316 8.51 4.36 24.23
CA SER A 316 7.60 5.49 24.56
C SER A 316 8.06 6.30 25.77
N ILE A 317 7.81 7.61 25.79
CA ILE A 317 8.16 8.46 26.94
C ILE A 317 6.94 9.33 27.26
N SER A 318 6.76 9.67 28.55
CA SER A 318 5.67 10.50 29.06
C SER A 318 6.02 11.19 30.41
N TRP A 319 5.45 12.39 30.64
CA TRP A 319 5.68 13.13 31.86
C TRP A 319 4.36 13.44 32.54
N SER A 320 4.37 13.32 33.89
CA SER A 320 3.22 13.65 34.73
C SER A 320 3.41 15.09 34.94
N SER A 321 2.51 15.86 34.33
CA SER A 321 2.37 17.31 34.37
C SER A 321 2.10 17.78 35.82
N LYS A 322 1.25 17.01 36.51
CA LYS A 322 0.78 17.17 37.87
C LYS A 322 1.84 16.85 38.92
N PHE A 323 2.70 15.83 38.65
CA PHE A 323 3.60 15.22 39.61
C PHE A 323 5.12 15.27 39.56
N SER A 324 5.77 15.62 38.43
CA SER A 324 7.26 15.64 38.40
C SER A 324 7.84 14.19 38.37
N LEU A 325 7.36 13.44 37.38
CA LEU A 325 7.74 12.06 37.11
C LEU A 325 7.89 11.89 35.62
N MET A 326 8.67 10.91 35.16
CA MET A 326 8.88 10.64 33.74
C MET A 326 8.99 9.17 33.41
N ALA A 327 7.87 8.54 33.04
CA ALA A 327 7.81 7.12 32.67
C ALA A 327 8.38 6.84 31.26
N ILE A 328 9.13 5.72 31.15
CA ILE A 328 9.78 5.27 29.90
C ILE A 328 9.45 3.81 29.74
N GLY A 329 9.01 3.43 28.54
CA GLY A 329 8.57 2.07 28.21
C GLY A 329 9.50 1.39 27.25
N LEU A 330 9.90 0.16 27.58
CA LEU A 330 10.84 -0.61 26.78
C LEU A 330 10.21 -1.76 26.02
N VAL A 331 10.94 -2.27 25.01
CA VAL A 331 10.55 -3.46 24.25
C VAL A 331 10.47 -4.63 25.24
N CYS A 332 11.45 -4.79 26.18
CA CYS A 332 11.42 -5.87 27.19
C CYS A 332 10.17 -5.87 28.13
N GLY A 333 9.30 -4.87 27.93
CA GLY A 333 8.06 -4.73 28.67
C GLY A 333 8.23 -4.04 30.01
N GLU A 334 9.41 -3.44 30.23
CA GLU A 334 9.69 -2.70 31.45
C GLU A 334 9.24 -1.27 31.30
N ILE A 335 8.64 -0.73 32.37
CA ILE A 335 8.25 0.66 32.51
C ILE A 335 9.10 1.19 33.67
N LEU A 336 9.84 2.28 33.43
CA LEU A 336 10.70 2.86 34.45
C LEU A 336 10.21 4.23 34.76
N LEU A 337 9.52 4.36 35.89
CA LEU A 337 8.94 5.61 36.36
C LEU A 337 10.04 6.33 37.15
N TYR A 338 10.45 7.52 36.64
CA TYR A 338 11.51 8.34 37.21
C TYR A 338 10.92 9.48 38.02
N ASP A 339 11.69 9.96 39.00
CA ASP A 339 11.33 11.15 39.75
C ASP A 339 12.16 12.19 39.00
N THR A 340 11.51 13.10 38.25
CA THR A 340 12.21 14.11 37.43
C THR A 340 13.26 15.00 38.14
N SER A 341 13.14 15.19 39.48
CA SER A 341 14.06 16.02 40.25
C SER A 341 15.38 15.30 40.56
N ALA A 342 15.28 14.11 41.14
CA ALA A 342 16.43 13.30 41.52
C ALA A 342 17.06 12.63 40.33
N TRP A 343 16.23 12.32 39.33
CA TRP A 343 16.56 11.57 38.12
C TRP A 343 16.84 10.11 38.43
N ARG A 344 16.11 9.57 39.42
CA ARG A 344 16.21 8.20 39.91
C ARG A 344 14.88 7.45 39.73
N VAL A 345 14.96 6.13 39.49
CA VAL A 345 13.79 5.29 39.26
C VAL A 345 13.01 5.09 40.57
N ARG A 346 11.73 5.47 40.54
CA ARG A 346 10.77 5.38 41.66
C ARG A 346 10.16 3.98 41.74
N HIS A 347 9.65 3.51 40.61
CA HIS A 347 9.02 2.20 40.44
C HIS A 347 9.41 1.66 39.09
N LYS A 348 9.62 0.35 39.03
CA LYS A 348 9.89 -0.40 37.81
C LYS A 348 8.59 -1.22 37.60
N PHE A 349 8.21 -1.51 36.36
CA PHE A 349 7.03 -2.31 36.11
C PHE A 349 7.39 -3.26 35.03
N VAL A 350 7.11 -4.55 35.22
CA VAL A 350 7.40 -5.46 34.12
C VAL A 350 6.08 -5.96 33.56
N LEU A 351 5.92 -5.89 32.21
CA LEU A 351 4.75 -6.36 31.49
C LEU A 351 5.08 -7.65 30.75
N GLU A 352 4.05 -8.42 30.39
CA GLU A 352 4.29 -9.68 29.71
C GLU A 352 4.86 -9.56 28.29
N ASP A 353 4.70 -8.39 27.68
CA ASP A 353 5.22 -8.12 26.34
C ASP A 353 5.67 -6.66 26.21
N SER A 354 6.04 -6.24 24.99
CA SER A 354 6.54 -4.90 24.70
C SER A 354 5.56 -3.78 24.99
N VAL A 355 6.08 -2.69 25.54
CA VAL A 355 5.33 -1.47 25.84
C VAL A 355 5.20 -0.77 24.49
N THR A 356 3.98 -0.33 24.16
CA THR A 356 3.79 0.33 22.87
C THR A 356 3.59 1.83 22.98
N LYS A 357 2.95 2.32 24.08
CA LYS A 357 2.71 3.75 24.33
C LYS A 357 2.48 4.00 25.81
N LEU A 358 3.13 5.02 26.36
CA LEU A 358 2.97 5.45 27.75
C LEU A 358 2.28 6.78 27.71
N MET A 359 1.29 6.98 28.58
CA MET A 359 0.56 8.25 28.62
C MET A 359 0.09 8.53 30.04
N PHE A 360 0.53 9.68 30.58
CA PHE A 360 0.11 10.13 31.91
C PHE A 360 -1.19 10.91 31.69
N ASP A 361 -2.10 10.82 32.66
CA ASP A 361 -3.35 11.56 32.66
C ASP A 361 -3.64 11.80 34.10
N ASN A 362 -3.77 13.09 34.48
CA ASN A 362 -4.03 13.41 35.86
C ASN A 362 -2.99 12.62 36.77
N ASP A 363 -3.46 11.83 37.74
CA ASP A 363 -2.69 11.07 38.71
C ASP A 363 -2.23 9.75 38.18
N ASP A 364 -2.76 9.36 37.04
CA ASP A 364 -2.56 8.05 36.48
C ASP A 364 -1.57 7.94 35.33
N LEU A 365 -1.00 6.73 35.21
CA LEU A 365 -0.11 6.32 34.13
C LEU A 365 -0.75 5.16 33.31
N PHE A 366 -0.96 5.40 32.02
CA PHE A 366 -1.55 4.43 31.11
C PHE A 366 -0.52 3.79 30.21
N ALA A 367 -0.64 2.46 30.07
CA ALA A 367 0.27 1.69 29.24
C ALA A 367 -0.40 0.63 28.37
N SER A 368 -0.13 0.77 27.07
CA SER A 368 -0.54 -0.13 26.01
C SER A 368 0.62 -1.09 25.81
N CYS A 369 0.27 -2.38 25.87
CA CYS A 369 1.21 -3.46 25.71
C CYS A 369 0.82 -4.28 24.47
N ILE A 370 1.83 -4.87 23.78
CA ILE A 370 1.61 -5.70 22.59
C ILE A 370 0.88 -7.04 22.86
N ASN A 371 0.51 -7.30 24.13
CA ASN A 371 -0.28 -8.45 24.51
C ASN A 371 -1.76 -8.18 24.22
N GLY A 372 -2.12 -6.89 24.09
CA GLY A 372 -3.48 -6.45 23.80
C GLY A 372 -4.17 -5.74 24.95
N LYS A 373 -3.40 -5.53 26.01
CA LYS A 373 -3.91 -4.89 27.21
C LYS A 373 -3.45 -3.45 27.32
N VAL A 374 -4.35 -2.62 27.85
CA VAL A 374 -4.09 -1.23 28.20
C VAL A 374 -4.16 -1.25 29.74
N TYR A 375 -3.05 -0.89 30.42
CA TYR A 375 -2.92 -0.94 31.88
C TYR A 375 -2.99 0.49 32.52
N GLN A 376 -3.70 0.62 33.67
CA GLN A 376 -3.83 1.90 34.38
C GLN A 376 -3.22 1.80 35.76
N PHE A 377 -2.27 2.72 36.09
CA PHE A 377 -1.50 2.79 37.34
C PHE A 377 -1.64 4.08 38.13
N ASN A 378 -1.28 4.06 39.42
CA ASN A 378 -1.34 5.26 40.23
C ASN A 378 0.07 5.84 40.24
N ALA A 379 0.44 6.71 39.27
CA ALA A 379 1.78 7.32 39.17
C ALA A 379 2.41 7.57 40.55
N ARG A 380 1.61 8.17 41.45
CA ARG A 380 2.01 8.46 42.83
C ARG A 380 2.48 7.14 43.52
N THR A 381 1.55 6.17 43.67
CA THR A 381 1.71 4.89 44.38
C THR A 381 2.26 3.62 43.65
N GLY A 382 1.99 3.47 42.37
CA GLY A 382 2.39 2.30 41.59
C GLY A 382 1.29 1.24 41.46
N GLN A 383 0.24 1.36 42.30
CA GLN A 383 -0.92 0.47 42.38
C GLN A 383 -1.72 0.34 41.08
N GLU A 384 -1.74 -0.90 40.53
CA GLU A 384 -2.51 -1.25 39.33
C GLU A 384 -3.99 -0.98 39.59
N LYS A 385 -4.48 0.17 39.09
CA LYS A 385 -5.87 0.64 39.21
C LYS A 385 -6.85 -0.19 38.37
N PHE A 386 -6.56 -0.39 37.08
CA PHE A 386 -7.48 -1.06 36.17
C PHE A 386 -6.73 -1.56 34.93
N VAL A 387 -7.26 -2.62 34.28
CA VAL A 387 -6.68 -3.18 33.05
C VAL A 387 -7.74 -3.31 32.00
N CYS A 388 -7.50 -2.68 30.83
CA CYS A 388 -8.32 -2.75 29.64
C CYS A 388 -8.02 -4.05 28.94
N VAL A 389 -9.07 -4.86 28.77
CA VAL A 389 -9.02 -6.18 28.15
C VAL A 389 -10.03 -6.31 27.02
N GLY A 390 -9.76 -7.23 26.11
CA GLY A 390 -10.62 -7.48 24.98
C GLY A 390 -9.87 -7.81 23.72
N HIS A 391 -8.85 -7.00 23.38
CA HIS A 391 -8.01 -7.22 22.21
C HIS A 391 -7.27 -8.58 22.33
N ASN A 392 -7.27 -9.33 21.22
CA ASN A 392 -6.61 -10.63 21.14
C ASN A 392 -5.28 -10.47 20.37
N MET A 393 -4.99 -9.22 19.97
CA MET A 393 -3.78 -8.83 19.25
C MET A 393 -3.32 -7.50 19.82
N GLY A 394 -2.02 -7.20 19.72
CA GLY A 394 -1.41 -6.00 20.29
C GLY A 394 -2.12 -4.65 20.16
N VAL A 395 -2.07 -3.80 21.23
CA VAL A 395 -2.62 -2.44 21.20
C VAL A 395 -1.45 -1.54 20.81
N LEU A 396 -1.49 -1.02 19.57
CA LEU A 396 -0.42 -0.23 18.97
C LEU A 396 -0.39 1.22 19.40
N ASP A 397 -1.57 1.81 19.64
CA ASP A 397 -1.70 3.19 20.09
C ASP A 397 -2.98 3.39 20.87
N PHE A 398 -3.11 4.55 21.54
CA PHE A 398 -4.32 4.94 22.27
C PHE A 398 -4.56 6.41 22.44
N ILE A 399 -5.79 6.74 22.87
CA ILE A 399 -6.22 8.11 23.16
C ILE A 399 -7.00 8.15 24.46
N LEU A 400 -7.03 9.32 25.10
CA LEU A 400 -7.69 9.52 26.37
C LEU A 400 -8.74 10.57 26.26
N LEU A 401 -9.97 10.12 26.41
CA LEU A 401 -11.08 11.05 26.26
C LEU A 401 -11.62 11.46 27.58
N HIS A 402 -12.06 12.71 27.63
CA HIS A 402 -12.51 13.34 28.84
C HIS A 402 -13.93 13.80 28.78
N PRO A 403 -14.64 13.64 29.91
CA PRO A 403 -16.02 14.15 29.98
C PRO A 403 -15.97 15.69 30.02
N VAL A 404 -16.36 16.35 28.92
CA VAL A 404 -16.31 17.81 28.79
C VAL A 404 -17.08 18.54 29.89
N ALA A 405 -18.27 18.00 30.19
CA ALA A 405 -19.26 18.54 31.11
C ALA A 405 -19.23 18.21 32.60
N ASN A 406 -18.78 19.17 33.39
CA ASN A 406 -18.95 19.00 34.81
C ASN A 406 -19.91 20.10 35.25
N THR A 407 -21.18 19.87 34.96
CA THR A 407 -22.33 20.71 35.31
C THR A 407 -22.72 20.43 36.79
N GLY A 408 -22.22 19.29 37.26
CA GLY A 408 -22.38 18.70 38.59
C GLY A 408 -21.84 17.27 38.62
N THR A 409 -22.38 16.40 37.72
CA THR A 409 -22.02 14.99 37.55
C THR A 409 -20.74 14.90 36.72
N GLU A 410 -19.74 14.20 37.26
CA GLU A 410 -18.46 14.04 36.58
C GLU A 410 -18.24 12.61 36.13
N GLN A 411 -18.51 12.34 34.86
CA GLN A 411 -18.39 11.03 34.21
C GLN A 411 -16.96 10.46 34.19
N LYS A 412 -16.81 9.24 33.64
CA LYS A 412 -15.52 8.55 33.53
C LYS A 412 -14.74 8.97 32.29
N ARG A 413 -13.43 8.86 32.44
CA ARG A 413 -12.48 9.12 31.35
C ARG A 413 -12.60 7.93 30.40
N LYS A 414 -12.35 8.13 29.09
CA LYS A 414 -12.41 6.99 28.15
C LYS A 414 -11.03 6.64 27.57
N VAL A 415 -10.81 5.35 27.23
CA VAL A 415 -9.57 4.88 26.56
C VAL A 415 -9.95 4.22 25.22
N ILE A 416 -9.58 4.88 24.10
CA ILE A 416 -9.78 4.39 22.73
C ILE A 416 -8.43 3.91 22.24
N THR A 417 -8.38 2.69 21.66
CA THR A 417 -7.16 2.01 21.21
C THR A 417 -7.02 1.84 19.70
N ALA A 418 -5.79 1.58 19.23
CA ALA A 418 -5.51 1.22 17.83
C ALA A 418 -5.04 -0.24 17.89
N GLY A 419 -5.87 -1.15 17.39
CA GLY A 419 -5.57 -2.58 17.45
C GLY A 419 -4.81 -3.15 16.26
N ASP A 420 -3.84 -4.04 16.55
CA ASP A 420 -3.05 -4.73 15.55
C ASP A 420 -4.00 -5.52 14.65
N GLU A 421 -5.15 -5.97 15.22
CA GLU A 421 -6.17 -6.70 14.48
C GLU A 421 -6.98 -5.82 13.52
N GLY A 422 -7.01 -4.51 13.80
CA GLY A 422 -7.76 -3.55 13.01
C GLY A 422 -9.11 -3.32 13.65
N VAL A 423 -9.08 -3.10 14.96
CA VAL A 423 -10.24 -2.88 15.81
C VAL A 423 -9.85 -1.87 16.84
N SER A 424 -10.76 -0.92 17.05
CA SER A 424 -10.63 0.11 18.05
C SER A 424 -11.70 -0.21 19.08
N LEU A 425 -11.28 -0.16 20.35
CA LEU A 425 -12.13 -0.45 21.50
C LEU A 425 -12.25 0.75 22.40
N VAL A 426 -13.41 0.91 23.04
CA VAL A 426 -13.66 2.03 23.95
C VAL A 426 -13.79 1.49 25.37
N PHE A 427 -13.05 2.07 26.33
CA PHE A 427 -13.08 1.62 27.72
C PHE A 427 -13.33 2.77 28.64
N GLU A 428 -14.32 2.59 29.52
CA GLU A 428 -14.62 3.53 30.59
C GLU A 428 -13.55 3.20 31.65
N VAL A 429 -12.76 4.19 32.10
CA VAL A 429 -11.70 3.92 33.07
C VAL A 429 -11.89 4.71 34.37
N PRO A 430 -11.60 4.08 35.55
CA PRO A 430 -11.83 4.76 36.85
C PRO A 430 -11.34 6.22 36.97
N ASN A 431 -12.13 7.08 37.72
CA ASN A 431 -12.07 8.54 37.98
C ASN A 431 -12.96 9.29 36.99
N MET B 53 1.89 -23.54 -46.68
CA MET B 53 3.03 -24.44 -46.61
C MET B 53 4.03 -23.97 -45.55
N SER B 54 4.98 -23.08 -45.94
CA SER B 54 5.99 -22.45 -45.08
C SER B 54 5.29 -21.35 -44.27
N ASN B 55 4.07 -21.03 -44.69
CA ASN B 55 3.16 -20.05 -44.15
C ASN B 55 1.73 -20.52 -44.47
N ASN B 56 0.76 -20.12 -43.63
CA ASN B 56 -0.65 -20.45 -43.80
C ASN B 56 -1.54 -19.29 -43.36
N SER B 57 -0.96 -18.08 -43.31
CA SER B 57 -1.71 -16.88 -42.94
C SER B 57 -2.60 -16.42 -44.10
N LEU B 58 -3.74 -15.79 -43.75
CA LEU B 58 -4.73 -15.24 -44.67
C LEU B 58 -4.18 -13.94 -45.29
N THR B 59 -3.61 -13.07 -44.41
CA THR B 59 -3.02 -11.77 -44.75
C THR B 59 -1.97 -11.28 -43.73
N TYR B 60 -1.29 -10.14 -44.01
CA TYR B 60 -0.25 -9.57 -43.16
C TYR B 60 -0.39 -8.07 -42.89
N PHE B 61 0.39 -7.58 -41.90
CA PHE B 61 0.65 -6.20 -41.50
C PHE B 61 2.10 -6.15 -41.04
N ASP B 62 2.87 -5.14 -41.49
CA ASP B 62 4.30 -5.06 -41.20
C ASP B 62 4.87 -3.63 -41.10
N LYS B 63 4.00 -2.59 -40.96
CA LYS B 63 4.45 -1.19 -40.87
C LYS B 63 5.35 -0.84 -39.67
N HIS B 64 5.71 -1.87 -38.87
CA HIS B 64 6.59 -1.73 -37.73
C HIS B 64 8.02 -1.97 -38.15
N THR B 65 8.92 -1.05 -37.76
CA THR B 65 10.34 -1.17 -38.07
C THR B 65 10.96 -2.20 -37.14
N ASP B 66 10.57 -2.17 -35.84
CA ASP B 66 11.04 -3.08 -34.79
C ASP B 66 9.90 -3.97 -34.28
N SER B 67 10.26 -4.99 -33.44
CA SER B 67 9.42 -6.00 -32.77
C SER B 67 8.05 -5.46 -32.34
N VAL B 68 6.96 -6.17 -32.71
CA VAL B 68 5.60 -5.81 -32.32
C VAL B 68 5.32 -6.39 -30.90
N PHE B 69 5.36 -5.53 -29.85
CA PHE B 69 5.21 -5.92 -28.44
C PHE B 69 3.79 -5.98 -27.92
N ALA B 70 2.91 -5.15 -28.45
CA ALA B 70 1.54 -5.11 -27.97
C ALA B 70 0.52 -5.24 -29.07
N ILE B 71 -0.63 -5.84 -28.71
CA ILE B 71 -1.78 -6.03 -29.60
C ILE B 71 -3.09 -5.78 -28.83
N GLY B 72 -4.06 -5.25 -29.58
CA GLY B 72 -5.39 -4.88 -29.09
C GLY B 72 -6.36 -4.75 -30.24
N HIS B 73 -7.64 -4.96 -29.92
CA HIS B 73 -8.71 -4.90 -30.90
C HIS B 73 -9.91 -4.21 -30.30
N HIS B 74 -10.57 -3.30 -31.08
CA HIS B 74 -11.75 -2.57 -30.65
C HIS B 74 -12.83 -3.59 -30.28
N PRO B 75 -13.67 -3.39 -29.22
CA PRO B 75 -14.66 -4.44 -28.85
C PRO B 75 -15.73 -4.76 -29.91
N ASN B 76 -15.95 -3.79 -30.83
CA ASN B 76 -16.99 -3.87 -31.82
C ASN B 76 -16.50 -3.73 -33.24
N LEU B 77 -15.78 -2.62 -33.55
CA LEU B 77 -15.26 -2.31 -34.90
C LEU B 77 -14.12 -3.27 -35.26
N PRO B 78 -14.00 -3.73 -36.53
CA PRO B 78 -12.90 -4.68 -36.87
C PRO B 78 -11.53 -3.99 -36.94
N LEU B 79 -11.20 -3.21 -35.88
CA LEU B 79 -10.01 -2.39 -35.72
C LEU B 79 -8.96 -2.99 -34.76
N VAL B 80 -7.72 -3.22 -35.28
CA VAL B 80 -6.56 -3.75 -34.54
C VAL B 80 -5.61 -2.60 -34.22
N CYS B 81 -4.99 -2.63 -33.01
CA CYS B 81 -3.95 -1.68 -32.63
C CYS B 81 -2.73 -2.42 -32.14
N THR B 82 -1.62 -2.26 -32.90
CA THR B 82 -0.34 -2.88 -32.58
C THR B 82 0.73 -1.82 -32.34
N GLY B 83 1.41 -1.95 -31.20
CA GLY B 83 2.50 -1.08 -30.78
C GLY B 83 3.81 -1.84 -30.76
N GLY B 84 4.91 -1.16 -31.08
CA GLY B 84 6.21 -1.81 -31.12
C GLY B 84 7.42 -1.00 -30.71
N GLY B 85 8.58 -1.65 -30.80
CA GLY B 85 9.88 -1.09 -30.48
C GLY B 85 10.28 0.10 -31.33
N ASP B 86 9.55 0.30 -32.47
CA ASP B 86 9.74 1.43 -33.39
C ASP B 86 9.10 2.71 -32.81
N ASN B 87 8.71 2.65 -31.51
CA ASN B 87 8.10 3.67 -30.67
C ASN B 87 6.78 4.22 -31.23
N LEU B 88 6.09 3.42 -32.06
CA LEU B 88 4.82 3.79 -32.70
C LEU B 88 3.71 2.77 -32.50
N ALA B 89 2.44 3.24 -32.67
CA ALA B 89 1.21 2.45 -32.58
C ALA B 89 0.37 2.64 -33.87
N HIS B 90 0.39 1.60 -34.72
CA HIS B 90 -0.31 1.56 -35.98
C HIS B 90 -1.72 0.98 -35.82
N LEU B 91 -2.66 1.48 -36.62
CA LEU B 91 -4.06 1.03 -36.62
C LEU B 91 -4.45 0.43 -37.96
N TRP B 92 -4.99 -0.78 -37.93
CA TRP B 92 -5.37 -1.51 -39.13
C TRP B 92 -6.58 -2.44 -38.93
N THR B 93 -7.09 -3.05 -40.02
CA THR B 93 -8.32 -3.82 -39.94
C THR B 93 -8.26 -5.33 -40.09
N SER B 94 -9.03 -6.01 -39.22
CA SER B 94 -9.12 -7.46 -39.12
C SER B 94 -9.80 -8.15 -40.33
N HIS B 95 -11.01 -7.67 -40.66
CA HIS B 95 -11.91 -8.16 -41.71
C HIS B 95 -11.35 -8.17 -43.16
N SER B 96 -10.82 -7.03 -43.61
CA SER B 96 -10.24 -6.90 -44.92
C SER B 96 -8.96 -7.72 -45.04
N GLN B 97 -8.83 -8.40 -46.16
CA GLN B 97 -7.68 -9.19 -46.57
C GLN B 97 -7.26 -8.54 -47.95
N PRO B 98 -6.25 -7.62 -48.04
CA PRO B 98 -5.30 -7.12 -47.04
C PRO B 98 -5.90 -6.13 -46.03
N PRO B 99 -5.33 -6.04 -44.80
CA PRO B 99 -5.88 -5.09 -43.81
C PRO B 99 -5.88 -3.68 -44.33
N LYS B 100 -6.94 -2.93 -44.02
CA LYS B 100 -7.00 -1.53 -44.41
C LYS B 100 -6.44 -0.71 -43.23
N PHE B 101 -5.51 0.21 -43.54
CA PHE B 101 -4.79 1.03 -42.56
C PHE B 101 -5.55 2.29 -42.11
N ALA B 102 -5.90 2.36 -40.82
CA ALA B 102 -6.59 3.52 -40.30
C ALA B 102 -5.60 4.68 -40.04
N GLY B 103 -4.49 4.40 -39.36
CA GLY B 103 -3.46 5.41 -39.08
C GLY B 103 -2.39 5.02 -38.08
N THR B 104 -1.51 5.99 -37.74
CA THR B 104 -0.42 5.86 -36.76
C THR B 104 -0.59 6.83 -35.60
N LEU B 105 -0.34 6.35 -34.39
CA LEU B 105 -0.33 7.14 -33.16
C LEU B 105 1.12 7.38 -32.82
N THR B 106 1.47 8.64 -32.70
CA THR B 106 2.85 9.06 -32.51
C THR B 106 3.15 9.58 -31.10
N GLY B 107 4.40 9.98 -30.91
CA GLY B 107 4.89 10.62 -29.70
C GLY B 107 5.06 9.76 -28.47
N TYR B 108 5.81 8.67 -28.60
CA TYR B 108 6.11 7.78 -27.47
C TYR B 108 7.62 7.88 -27.11
N GLY B 109 7.93 7.79 -25.82
CA GLY B 109 9.30 7.86 -25.31
C GLY B 109 10.10 6.61 -25.64
N GLU B 110 9.50 5.46 -25.33
CA GLU B 110 10.11 4.15 -25.58
C GLU B 110 9.12 3.25 -26.31
N SER B 111 9.50 1.96 -26.45
CA SER B 111 8.72 0.90 -27.10
C SER B 111 7.31 0.87 -26.52
N VAL B 112 6.29 0.70 -27.39
CA VAL B 112 4.88 0.62 -26.94
C VAL B 112 4.62 -0.80 -26.44
N ILE B 113 4.24 -0.91 -25.16
CA ILE B 113 4.03 -2.17 -24.46
C ILE B 113 2.60 -2.49 -24.11
N SER B 114 1.66 -1.58 -24.37
CA SER B 114 0.24 -1.86 -24.15
C SER B 114 -0.65 -1.21 -25.21
N CYS B 115 -1.74 -1.90 -25.57
CA CYS B 115 -2.70 -1.48 -26.58
C CYS B 115 -4.04 -1.99 -26.09
N SER B 116 -4.69 -1.21 -25.24
CA SER B 116 -5.96 -1.68 -24.74
C SER B 116 -7.09 -0.70 -25.08
N PHE B 117 -8.21 -1.23 -25.55
CA PHE B 117 -9.39 -0.44 -25.94
C PHE B 117 -10.32 -0.44 -24.78
N THR B 118 -11.00 0.67 -24.51
CA THR B 118 -11.91 0.62 -23.36
C THR B 118 -13.23 0.01 -23.72
N SER B 119 -13.66 -1.00 -22.90
CA SER B 119 -14.85 -1.86 -22.94
C SER B 119 -16.03 -1.30 -23.69
N GLU B 120 -16.50 -0.07 -23.33
CA GLU B 120 -17.62 0.61 -23.99
C GLU B 120 -17.33 0.84 -25.50
N GLY B 121 -16.05 1.02 -25.83
CA GLY B 121 -15.54 1.21 -27.18
C GLY B 121 -15.26 2.65 -27.50
N GLY B 122 -15.14 3.45 -26.44
CA GLY B 122 -14.95 4.89 -26.53
C GLY B 122 -13.54 5.37 -26.73
N PHE B 123 -12.56 4.67 -26.10
CA PHE B 123 -11.17 5.10 -26.16
C PHE B 123 -10.17 3.98 -26.26
N LEU B 124 -8.96 4.37 -26.67
CA LEU B 124 -7.78 3.54 -26.85
C LEU B 124 -6.66 4.07 -25.95
N VAL B 125 -6.33 3.25 -24.93
CA VAL B 125 -5.30 3.52 -23.95
C VAL B 125 -4.01 2.82 -24.38
N THR B 126 -2.89 3.56 -24.37
CA THR B 126 -1.55 3.14 -24.79
C THR B 126 -0.48 3.46 -23.74
N ALA B 127 0.57 2.61 -23.64
CA ALA B 127 1.68 2.79 -22.68
C ALA B 127 3.06 2.47 -23.29
N ASP B 128 4.11 3.10 -22.76
CA ASP B 128 5.47 2.83 -23.24
C ASP B 128 6.48 2.52 -22.10
N MET B 129 7.72 2.17 -22.46
CA MET B 129 8.72 1.85 -21.45
C MET B 129 9.42 3.05 -20.83
N SER B 130 8.90 4.27 -21.08
CA SER B 130 9.44 5.49 -20.46
C SER B 130 8.42 5.97 -19.40
N GLY B 131 7.36 5.19 -19.21
CA GLY B 131 6.28 5.46 -18.26
C GLY B 131 5.25 6.46 -18.75
N LYS B 132 5.12 6.56 -20.08
CA LYS B 132 4.18 7.44 -20.75
C LYS B 132 2.89 6.67 -21.02
N VAL B 133 1.73 7.29 -20.70
CA VAL B 133 0.39 6.75 -20.96
C VAL B 133 -0.28 7.74 -21.95
N LEU B 134 -1.14 7.24 -22.88
CA LEU B 134 -1.85 8.08 -23.87
C LEU B 134 -3.31 7.64 -24.06
N VAL B 135 -4.27 8.61 -24.05
CA VAL B 135 -5.69 8.34 -24.28
C VAL B 135 -6.05 8.91 -25.62
N HIS B 136 -6.55 8.08 -26.54
CA HIS B 136 -7.02 8.58 -27.82
C HIS B 136 -8.53 8.42 -27.85
N MET B 137 -9.28 9.49 -28.17
CA MET B 137 -10.75 9.46 -28.22
C MET B 137 -11.29 8.93 -29.55
N GLY B 138 -12.36 8.15 -29.50
CA GLY B 138 -13.01 7.60 -30.68
C GLY B 138 -13.71 8.69 -31.44
N GLN B 139 -13.34 8.91 -32.72
CA GLN B 139 -13.90 10.00 -33.53
C GLN B 139 -14.53 9.53 -34.83
N LYS B 140 -15.49 10.32 -35.33
CA LYS B 140 -16.17 10.08 -36.60
C LYS B 140 -16.52 8.61 -36.73
N GLY B 141 -17.23 8.09 -35.74
CA GLY B 141 -17.66 6.69 -35.71
C GLY B 141 -16.56 5.65 -35.82
N GLY B 142 -15.48 5.86 -35.07
CA GLY B 142 -14.34 4.96 -35.00
C GLY B 142 -13.36 5.04 -36.16
N ALA B 143 -13.54 6.05 -37.04
CA ALA B 143 -12.65 6.24 -38.20
C ALA B 143 -11.27 6.63 -37.69
N GLN B 144 -11.15 7.86 -37.21
CA GLN B 144 -9.92 8.41 -36.69
C GLN B 144 -9.96 8.40 -35.19
N TRP B 145 -8.81 8.63 -34.57
CA TRP B 145 -8.71 8.67 -33.11
C TRP B 145 -7.77 9.82 -32.70
N LYS B 146 -8.35 10.95 -32.25
CA LYS B 146 -7.58 12.11 -31.82
C LYS B 146 -7.20 11.91 -30.35
N LEU B 147 -5.98 12.33 -29.99
CA LEU B 147 -5.42 12.25 -28.63
C LEU B 147 -6.24 13.12 -27.66
N ALA B 148 -6.78 12.49 -26.60
CA ALA B 148 -7.66 13.13 -25.61
C ALA B 148 -6.93 13.72 -24.40
N SER B 149 -6.00 12.95 -23.86
CA SER B 149 -5.16 13.29 -22.70
C SER B 149 -3.98 12.32 -22.69
N GLN B 150 -2.98 12.62 -21.84
CA GLN B 150 -1.78 11.81 -21.68
C GLN B 150 -1.05 12.13 -20.37
N MET B 151 -0.21 11.18 -19.91
CA MET B 151 0.57 11.30 -18.68
C MET B 151 1.92 10.56 -18.75
N GLN B 152 2.81 10.88 -17.78
CA GLN B 152 4.14 10.30 -17.58
C GLN B 152 4.35 10.41 -16.08
N GLU B 153 3.72 9.49 -15.33
CA GLU B 153 3.77 9.44 -13.87
C GLU B 153 4.85 8.52 -13.32
N VAL B 154 5.32 7.56 -14.14
CA VAL B 154 6.35 6.58 -13.72
C VAL B 154 7.53 6.50 -14.68
N GLU B 155 8.63 5.83 -14.25
CA GLU B 155 9.87 5.68 -15.03
C GLU B 155 9.72 4.69 -16.19
N GLU B 156 8.91 3.63 -15.98
CA GLU B 156 8.61 2.60 -16.97
C GLU B 156 7.37 1.80 -16.59
N ILE B 157 6.35 1.76 -17.48
CA ILE B 157 5.17 0.93 -17.26
C ILE B 157 5.51 -0.48 -17.76
N VAL B 158 5.00 -1.46 -17.04
CA VAL B 158 5.21 -2.88 -17.29
C VAL B 158 3.95 -3.47 -17.97
N TRP B 159 2.76 -3.12 -17.48
CA TRP B 159 1.51 -3.60 -18.03
C TRP B 159 0.41 -2.57 -17.84
N LEU B 160 -0.64 -2.67 -18.64
CA LEU B 160 -1.81 -1.80 -18.62
C LEU B 160 -2.93 -2.56 -19.29
N LYS B 161 -4.07 -2.63 -18.60
CA LYS B 161 -5.26 -3.30 -19.13
C LYS B 161 -6.45 -2.39 -18.89
N THR B 162 -7.44 -2.42 -19.79
CA THR B 162 -8.67 -1.65 -19.54
C THR B 162 -9.62 -2.66 -19.00
N HIS B 163 -10.46 -2.24 -18.04
CA HIS B 163 -11.46 -3.09 -17.40
C HIS B 163 -12.40 -3.68 -18.45
N PRO B 164 -12.54 -5.03 -18.38
CA PRO B 164 -13.39 -5.76 -19.35
C PRO B 164 -14.85 -5.38 -19.42
N THR B 165 -15.50 -5.24 -18.29
CA THR B 165 -16.92 -4.92 -18.23
C THR B 165 -17.24 -3.46 -17.85
N ILE B 166 -16.27 -2.73 -17.29
CA ILE B 166 -16.50 -1.34 -16.89
C ILE B 166 -16.02 -0.28 -17.93
N ALA B 167 -16.99 0.58 -18.33
CA ALA B 167 -16.80 1.64 -19.30
C ALA B 167 -15.77 2.62 -18.80
N ARG B 168 -14.93 3.11 -19.74
CA ARG B 168 -13.90 4.11 -19.52
C ARG B 168 -12.79 3.78 -18.49
N THR B 169 -12.83 2.66 -17.79
CA THR B 169 -11.84 2.38 -16.75
C THR B 169 -10.64 1.57 -17.19
N PHE B 170 -9.45 1.97 -16.71
CA PHE B 170 -8.20 1.26 -16.96
C PHE B 170 -7.18 1.40 -15.80
N ALA B 171 -6.32 0.36 -15.59
CA ALA B 171 -5.27 0.35 -14.56
C ALA B 171 -3.89 -0.06 -15.12
N PHE B 172 -2.80 0.23 -14.38
CA PHE B 172 -1.43 -0.11 -14.79
C PHE B 172 -0.38 -0.25 -13.68
N GLY B 173 0.62 -1.09 -13.94
CA GLY B 173 1.75 -1.35 -13.02
C GLY B 173 3.07 -0.91 -13.60
N ALA B 174 4.01 -0.52 -12.72
CA ALA B 174 5.32 -0.03 -13.14
C ALA B 174 6.51 -0.64 -12.40
N THR B 175 7.73 -0.40 -12.93
CA THR B 175 9.05 -0.84 -12.42
C THR B 175 9.30 -0.57 -10.93
N ASP B 176 8.62 0.45 -10.35
CA ASP B 176 8.74 0.83 -8.94
C ASP B 176 7.74 0.10 -8.02
N GLY B 177 6.97 -0.82 -8.59
CA GLY B 177 5.94 -1.59 -7.89
C GLY B 177 4.69 -0.78 -7.56
N SER B 178 4.49 0.34 -8.27
CA SER B 178 3.31 1.16 -8.03
C SER B 178 2.18 0.72 -8.93
N VAL B 179 0.96 0.87 -8.42
CA VAL B 179 -0.26 0.46 -9.09
C VAL B 179 -1.17 1.67 -9.16
N TRP B 180 -1.67 1.91 -10.36
CA TRP B 180 -2.48 3.07 -10.64
C TRP B 180 -3.74 2.72 -11.31
N CYS B 181 -4.81 3.38 -10.90
CA CYS B 181 -6.07 3.26 -11.60
C CYS B 181 -6.57 4.62 -12.03
N TYR B 182 -7.07 4.69 -13.28
CA TYR B 182 -7.62 5.89 -13.88
C TYR B 182 -8.97 5.61 -14.51
N GLN B 183 -9.77 6.65 -14.65
CA GLN B 183 -11.08 6.62 -15.28
C GLN B 183 -11.16 7.76 -16.29
N ILE B 184 -11.58 7.44 -17.50
CA ILE B 184 -11.64 8.45 -18.55
C ILE B 184 -12.98 9.16 -18.57
N ASN B 185 -12.94 10.51 -18.63
CA ASN B 185 -14.13 11.33 -18.69
C ASN B 185 -14.66 11.15 -20.07
N GLU B 186 -15.91 10.66 -20.17
CA GLU B 186 -16.60 10.41 -21.44
C GLU B 186 -16.49 11.56 -22.43
N GLN B 187 -16.87 12.75 -21.98
CA GLN B 187 -16.96 13.95 -22.78
C GLN B 187 -15.65 14.47 -23.36
N ASP B 188 -14.64 14.65 -22.52
CA ASP B 188 -13.37 15.25 -22.95
C ASP B 188 -12.16 14.34 -23.01
N GLY B 189 -12.33 13.09 -22.60
CA GLY B 189 -11.24 12.12 -22.58
C GLY B 189 -10.13 12.44 -21.58
N SER B 190 -10.37 13.45 -20.70
CA SER B 190 -9.44 13.89 -19.65
C SER B 190 -9.41 12.84 -18.55
N LEU B 191 -8.22 12.58 -17.99
CA LEU B 191 -7.98 11.57 -16.95
C LEU B 191 -8.45 11.98 -15.55
N GLU B 192 -8.86 10.96 -14.75
CA GLU B 192 -9.31 11.03 -13.36
C GLU B 192 -8.61 9.87 -12.68
N GLN B 193 -7.60 10.17 -11.85
CA GLN B 193 -6.88 9.15 -11.11
C GLN B 193 -7.80 8.67 -9.99
N LEU B 194 -8.16 7.36 -9.99
CA LEU B 194 -8.99 6.81 -8.92
C LEU B 194 -8.09 6.45 -7.72
N MET B 195 -7.10 5.56 -7.98
CA MET B 195 -6.11 5.11 -7.01
C MET B 195 -4.66 5.21 -7.52
N SER B 196 -3.74 5.33 -6.57
CA SER B 196 -2.31 5.38 -6.77
C SER B 196 -1.80 4.75 -5.51
N GLY B 197 -1.42 3.48 -5.64
CA GLY B 197 -0.92 2.64 -4.54
C GLY B 197 0.54 2.28 -4.71
N PHE B 198 1.27 2.23 -3.58
CA PHE B 198 2.71 1.94 -3.52
C PHE B 198 3.00 0.83 -2.50
N VAL B 199 2.30 -0.30 -2.63
CA VAL B 199 2.45 -1.41 -1.68
C VAL B 199 3.60 -2.31 -2.10
N HIS B 200 3.70 -2.66 -3.41
CA HIS B 200 4.76 -3.54 -3.93
C HIS B 200 6.10 -2.89 -3.83
N GLN B 201 7.13 -3.67 -3.50
CA GLN B 201 8.46 -3.10 -3.36
C GLN B 201 9.34 -3.17 -4.59
N GLN B 202 9.32 -4.29 -5.34
CA GLN B 202 10.07 -4.45 -6.59
C GLN B 202 9.07 -4.22 -7.74
N ASP B 203 9.50 -4.40 -9.01
CA ASP B 203 8.68 -4.23 -10.22
C ASP B 203 7.30 -4.88 -10.13
N CYS B 204 6.23 -4.18 -10.57
CA CYS B 204 4.86 -4.73 -10.56
C CYS B 204 4.61 -5.51 -11.87
N SER B 205 4.93 -6.82 -11.87
CA SER B 205 4.92 -7.71 -13.02
C SER B 205 3.61 -7.87 -13.80
N MET B 206 2.48 -7.85 -13.07
CA MET B 206 1.13 -8.03 -13.63
C MET B 206 0.00 -7.51 -12.74
N GLY B 207 -1.18 -7.42 -13.36
CA GLY B 207 -2.45 -7.01 -12.78
C GLY B 207 -3.58 -7.64 -13.53
N GLU B 208 -4.69 -7.89 -12.85
CA GLU B 208 -5.90 -8.49 -13.42
C GLU B 208 -7.07 -7.96 -12.61
N PHE B 209 -8.11 -7.51 -13.32
CA PHE B 209 -9.32 -7.00 -12.67
C PHE B 209 -10.14 -8.17 -12.26
N ILE B 210 -10.82 -8.06 -11.13
CA ILE B 210 -11.66 -9.11 -10.60
C ILE B 210 -13.06 -8.58 -10.37
N ASN B 211 -14.03 -9.46 -10.06
CA ASN B 211 -15.42 -9.06 -9.78
C ASN B 211 -15.99 -8.11 -10.87
N THR B 212 -15.82 -8.54 -12.10
CA THR B 212 -16.22 -7.84 -13.31
C THR B 212 -17.76 -7.87 -13.50
N ASP B 213 -18.32 -9.07 -13.26
CA ASP B 213 -19.74 -9.44 -13.28
C ASP B 213 -20.55 -8.80 -12.15
N LYS B 214 -19.86 -8.31 -11.12
CA LYS B 214 -20.56 -7.78 -9.96
C LYS B 214 -21.18 -6.40 -10.14
N GLY B 215 -21.03 -5.82 -11.33
CA GLY B 215 -21.63 -4.53 -11.58
C GLY B 215 -20.62 -3.42 -11.74
N GLU B 216 -21.14 -2.23 -12.12
CA GLU B 216 -20.42 -0.99 -12.45
C GLU B 216 -19.92 -0.16 -11.27
N ASN B 217 -20.26 -0.59 -10.05
CA ASN B 217 -19.79 0.05 -8.83
C ASN B 217 -18.88 -0.89 -8.03
N THR B 218 -18.62 -2.07 -8.62
CA THR B 218 -17.72 -3.08 -8.06
C THR B 218 -16.47 -3.15 -8.94
N LEU B 219 -15.55 -2.25 -8.65
CA LEU B 219 -14.28 -2.17 -9.36
C LEU B 219 -13.23 -2.61 -8.38
N GLU B 220 -12.51 -3.70 -8.73
CA GLU B 220 -11.47 -4.35 -7.93
C GLU B 220 -10.33 -4.81 -8.80
N LEU B 221 -9.09 -4.76 -8.29
CA LEU B 221 -7.89 -5.17 -9.01
C LEU B 221 -6.95 -6.03 -8.16
N VAL B 222 -6.19 -6.92 -8.82
CA VAL B 222 -5.18 -7.78 -8.16
C VAL B 222 -3.88 -7.53 -8.86
N THR B 223 -2.80 -7.37 -8.12
CA THR B 223 -1.49 -7.11 -8.71
C THR B 223 -0.39 -7.98 -8.08
N CYS B 224 0.68 -8.23 -8.83
CA CYS B 224 1.79 -9.03 -8.35
C CYS B 224 3.12 -8.38 -8.67
N SER B 225 4.12 -8.74 -7.85
CA SER B 225 5.47 -8.21 -7.91
C SER B 225 6.55 -9.27 -7.63
N LEU B 226 7.75 -8.98 -8.14
CA LEU B 226 8.96 -9.77 -7.98
C LEU B 226 9.48 -9.73 -6.54
N ASP B 227 8.84 -8.91 -5.68
CA ASP B 227 9.14 -8.86 -4.25
C ASP B 227 8.42 -10.06 -3.56
N SER B 228 7.75 -10.89 -4.38
CA SER B 228 7.02 -12.11 -4.04
C SER B 228 5.65 -11.81 -3.40
N THR B 229 5.17 -10.56 -3.55
CA THR B 229 3.89 -10.21 -2.97
C THR B 229 2.82 -9.98 -3.99
N ILE B 230 1.60 -10.32 -3.57
CA ILE B 230 0.36 -10.17 -4.31
C ILE B 230 -0.54 -9.30 -3.40
N VAL B 231 -1.31 -8.40 -4.04
CA VAL B 231 -2.22 -7.44 -3.40
C VAL B 231 -3.51 -7.30 -4.22
N ALA B 232 -4.63 -7.15 -3.51
CA ALA B 232 -5.95 -6.86 -4.09
C ALA B 232 -6.43 -5.52 -3.54
N TRP B 233 -7.06 -4.69 -4.39
CA TRP B 233 -7.52 -3.35 -4.03
C TRP B 233 -8.89 -3.00 -4.57
N ASN B 234 -9.59 -2.05 -3.90
CA ASN B 234 -10.84 -1.48 -4.38
C ASN B 234 -10.37 -0.16 -4.98
N CYS B 235 -10.00 -0.15 -6.27
CA CYS B 235 -9.49 1.04 -6.95
C CYS B 235 -10.31 2.32 -6.82
N PHE B 236 -11.59 2.23 -6.44
CA PHE B 236 -12.37 3.42 -6.18
C PHE B 236 -11.87 4.16 -4.91
N THR B 237 -11.44 3.39 -3.86
CA THR B 237 -10.93 3.91 -2.56
C THR B 237 -9.42 3.62 -2.29
N GLY B 238 -8.83 2.78 -3.15
CA GLY B 238 -7.44 2.31 -3.08
C GLY B 238 -7.14 1.47 -1.85
N GLN B 239 -8.22 0.91 -1.26
CA GLN B 239 -8.23 0.14 -0.04
C GLN B 239 -7.61 -1.22 -0.21
N GLN B 240 -6.44 -1.41 0.42
CA GLN B 240 -5.63 -2.63 0.40
C GLN B 240 -6.42 -3.75 1.07
N LEU B 241 -7.21 -4.48 0.23
CA LEU B 241 -8.09 -5.59 0.64
C LEU B 241 -7.34 -6.69 1.37
N PHE B 242 -6.22 -7.18 0.77
CA PHE B 242 -5.30 -8.18 1.33
C PHE B 242 -3.93 -8.14 0.65
N LYS B 243 -2.87 -8.48 1.38
CA LYS B 243 -1.54 -8.57 0.80
C LYS B 243 -1.02 -9.96 1.11
N ILE B 244 -0.63 -10.72 0.06
CA ILE B 244 -0.06 -12.07 0.24
C ILE B 244 1.46 -11.87 0.19
N THR B 245 2.12 -12.19 1.31
CA THR B 245 3.56 -12.02 1.50
C THR B 245 4.30 -13.36 1.44
N GLN B 246 5.65 -13.30 1.38
CA GLN B 246 6.56 -14.45 1.31
C GLN B 246 6.15 -15.50 2.34
N ALA B 247 5.79 -15.05 3.57
CA ALA B 247 5.35 -15.87 4.69
C ALA B 247 4.02 -16.58 4.42
N GLU B 248 3.05 -15.83 3.83
CA GLU B 248 1.72 -16.34 3.46
C GLU B 248 1.76 -17.54 2.51
N ILE B 249 2.91 -17.76 1.83
CA ILE B 249 3.20 -18.86 0.90
C ILE B 249 4.36 -19.68 1.40
N LYS B 250 4.24 -20.17 2.65
CA LYS B 250 5.21 -21.05 3.32
C LYS B 250 6.65 -20.50 3.45
N GLY B 251 6.83 -19.18 3.30
CA GLY B 251 8.15 -18.54 3.44
C GLY B 251 8.97 -18.45 2.17
N LEU B 252 8.51 -19.15 1.12
CA LEU B 252 9.13 -19.27 -0.21
C LEU B 252 9.22 -17.95 -0.94
N GLU B 253 10.44 -17.57 -1.37
CA GLU B 253 10.62 -16.34 -2.16
C GLU B 253 10.21 -16.67 -3.59
N ALA B 254 9.09 -16.08 -4.08
CA ALA B 254 8.56 -16.34 -5.42
C ALA B 254 8.31 -15.08 -6.26
N PRO B 255 9.31 -14.62 -7.08
CA PRO B 255 9.09 -13.44 -7.93
C PRO B 255 8.00 -13.72 -9.00
N TRP B 256 6.78 -13.19 -8.77
CA TRP B 256 5.59 -13.37 -9.63
C TRP B 256 5.76 -12.73 -10.99
N ILE B 257 5.14 -13.33 -12.02
CA ILE B 257 5.20 -12.85 -13.40
C ILE B 257 3.85 -12.89 -14.11
N SER B 258 2.97 -13.84 -13.73
CA SER B 258 1.67 -14.05 -14.38
C SER B 258 0.47 -14.11 -13.47
N LEU B 259 -0.66 -13.59 -13.95
CA LEU B 259 -1.93 -13.60 -13.26
C LEU B 259 -3.12 -13.91 -14.20
N SER B 260 -4.07 -14.78 -13.77
CA SER B 260 -5.30 -15.03 -14.55
C SER B 260 -6.57 -15.21 -13.77
N LEU B 261 -7.58 -14.36 -14.06
CA LEU B 261 -8.87 -14.44 -13.37
C LEU B 261 -9.66 -15.62 -13.91
N ALA B 262 -10.21 -16.46 -13.02
CA ALA B 262 -11.04 -17.62 -13.37
C ALA B 262 -12.49 -17.15 -13.48
N PRO B 263 -13.24 -17.66 -14.49
CA PRO B 263 -14.65 -17.25 -14.64
C PRO B 263 -15.64 -17.97 -13.71
N GLU B 264 -16.80 -17.31 -13.43
CA GLU B 264 -17.93 -17.76 -12.56
C GLU B 264 -18.34 -19.27 -12.68
N THR B 265 -18.24 -19.85 -13.89
CA THR B 265 -18.63 -21.22 -14.28
C THR B 265 -17.74 -22.38 -13.76
N LEU B 266 -16.51 -22.07 -13.31
CA LEU B 266 -15.54 -23.05 -12.77
C LEU B 266 -15.29 -22.80 -11.26
N THR B 267 -15.92 -21.73 -10.72
CA THR B 267 -15.79 -21.30 -9.32
C THR B 267 -17.15 -21.23 -8.57
N LYS B 268 -18.27 -21.61 -9.27
CA LYS B 268 -19.65 -21.61 -8.78
C LYS B 268 -19.97 -20.30 -8.04
N GLY B 269 -20.01 -19.21 -8.82
CA GLY B 269 -20.26 -17.87 -8.32
C GLY B 269 -19.01 -17.03 -8.20
N ASN B 270 -18.02 -17.52 -7.42
CA ASN B 270 -16.76 -16.82 -7.13
C ASN B 270 -16.04 -16.11 -8.28
N SER B 271 -16.43 -14.88 -8.40
CA SER B 271 -15.98 -13.90 -9.37
C SER B 271 -14.48 -13.57 -9.26
N GLY B 272 -13.89 -13.77 -8.08
CA GLY B 272 -12.51 -13.42 -7.80
C GLY B 272 -11.57 -14.55 -7.45
N VAL B 273 -11.40 -15.53 -8.35
CA VAL B 273 -10.45 -16.62 -8.13
C VAL B 273 -9.34 -16.50 -9.14
N VAL B 274 -8.13 -16.21 -8.67
CA VAL B 274 -6.98 -15.91 -9.52
C VAL B 274 -5.85 -16.90 -9.41
N ALA B 275 -5.19 -17.16 -10.55
CA ALA B 275 -4.04 -18.04 -10.67
C ALA B 275 -2.80 -17.20 -10.86
N CYS B 276 -1.80 -17.39 -10.01
CA CYS B 276 -0.55 -16.63 -10.06
C CYS B 276 0.66 -17.51 -10.26
N GLY B 277 1.46 -17.14 -11.24
CA GLY B 277 2.65 -17.87 -11.60
C GLY B 277 3.90 -17.07 -11.31
N SER B 278 4.90 -17.73 -10.73
CA SER B 278 6.17 -17.10 -10.41
C SER B 278 7.22 -17.47 -11.46
N ASN B 279 8.36 -16.77 -11.40
CA ASN B 279 9.50 -17.00 -12.29
C ASN B 279 10.36 -18.23 -11.85
N ASN B 280 10.13 -18.75 -10.63
CA ASN B 280 10.82 -19.93 -10.12
C ASN B 280 9.92 -21.16 -10.21
N GLY B 281 8.77 -20.97 -10.87
CA GLY B 281 7.78 -22.01 -11.13
C GLY B 281 6.81 -22.38 -10.03
N LEU B 282 6.47 -21.42 -9.18
CA LEU B 282 5.53 -21.66 -8.09
C LEU B 282 4.14 -21.15 -8.50
N LEU B 283 3.17 -22.09 -8.64
CA LEU B 283 1.78 -21.79 -8.99
C LEU B 283 0.90 -21.68 -7.74
N ALA B 284 0.17 -20.56 -7.64
CA ALA B 284 -0.73 -20.20 -6.55
C ALA B 284 -2.13 -19.92 -7.07
N VAL B 285 -3.12 -20.59 -6.49
CA VAL B 285 -4.52 -20.33 -6.78
C VAL B 285 -5.06 -19.73 -5.50
N ILE B 286 -5.62 -18.53 -5.62
CA ILE B 286 -6.11 -17.76 -4.49
C ILE B 286 -7.55 -17.28 -4.65
N ASN B 287 -8.30 -17.23 -3.53
CA ASN B 287 -9.68 -16.74 -3.44
C ASN B 287 -9.59 -15.28 -2.95
N CYS B 288 -9.76 -14.31 -3.87
CA CYS B 288 -9.71 -12.88 -3.55
C CYS B 288 -10.92 -12.48 -2.77
N ASN B 289 -12.04 -13.16 -3.02
CA ASN B 289 -13.27 -12.93 -2.31
C ASN B 289 -13.22 -13.44 -0.86
N ASN B 290 -12.23 -14.33 -0.54
CA ASN B 290 -11.96 -14.80 0.84
C ASN B 290 -10.56 -14.38 1.33
N GLY B 291 -10.25 -13.09 1.10
CA GLY B 291 -9.00 -12.44 1.47
C GLY B 291 -7.75 -13.23 1.17
N GLY B 292 -7.56 -13.58 -0.09
CA GLY B 292 -6.38 -14.31 -0.55
C GLY B 292 -6.23 -15.76 -0.14
N ALA B 293 -7.31 -16.40 0.39
CA ALA B 293 -7.32 -17.81 0.77
C ALA B 293 -6.53 -18.61 -0.28
N ILE B 294 -5.37 -19.18 0.09
CA ILE B 294 -4.55 -19.94 -0.88
C ILE B 294 -5.27 -21.30 -1.08
N LEU B 295 -5.83 -21.52 -2.30
CA LEU B 295 -6.63 -22.69 -2.65
C LEU B 295 -5.84 -23.81 -3.31
N HIS B 296 -4.56 -23.52 -3.60
CA HIS B 296 -3.60 -24.43 -4.18
C HIS B 296 -2.26 -23.75 -4.28
N LEU B 297 -1.20 -24.47 -3.91
CA LEU B 297 0.17 -24.03 -4.02
C LEU B 297 1.03 -25.21 -4.46
N SER B 298 1.92 -24.98 -5.48
CA SER B 298 2.79 -26.04 -6.02
C SER B 298 3.94 -25.51 -6.87
N THR B 299 5.04 -26.29 -6.95
CA THR B 299 6.17 -26.00 -7.84
C THR B 299 5.92 -26.87 -9.06
N VAL B 300 5.26 -26.30 -10.09
CA VAL B 300 4.85 -26.97 -11.33
C VAL B 300 5.78 -28.03 -11.91
N ILE B 301 7.08 -27.72 -12.01
CA ILE B 301 8.09 -28.61 -12.58
C ILE B 301 9.17 -28.87 -11.55
N GLU B 302 9.88 -29.99 -11.71
CA GLU B 302 10.97 -30.37 -10.85
C GLU B 302 12.26 -30.17 -11.69
N LEU B 303 13.04 -29.11 -11.36
CA LEU B 303 14.30 -28.78 -12.05
C LEU B 303 15.38 -29.78 -11.67
N LYS B 304 16.18 -30.23 -12.67
CA LYS B 304 17.33 -31.14 -12.48
C LYS B 304 18.45 -30.32 -11.71
N PRO B 305 19.48 -30.94 -11.06
CA PRO B 305 20.51 -30.12 -10.35
C PRO B 305 21.21 -29.07 -11.22
N GLU B 306 21.46 -29.40 -12.51
CA GLU B 306 22.08 -28.58 -13.57
C GLU B 306 21.25 -27.33 -13.89
N GLN B 307 19.93 -27.54 -14.15
CA GLN B 307 18.92 -26.57 -14.53
C GLN B 307 18.97 -25.20 -13.83
N ASP B 308 18.69 -24.16 -14.61
CA ASP B 308 18.61 -22.77 -14.18
C ASP B 308 17.21 -22.59 -13.59
N GLU B 309 17.10 -21.93 -12.43
CA GLU B 309 15.82 -21.72 -11.71
C GLU B 309 14.75 -20.98 -12.52
N LEU B 310 15.19 -20.16 -13.52
CA LEU B 310 14.39 -19.35 -14.45
C LEU B 310 13.71 -20.20 -15.55
N ASP B 311 14.19 -21.44 -15.78
CA ASP B 311 13.61 -22.35 -16.79
C ASP B 311 12.18 -22.76 -16.38
N ALA B 312 11.88 -22.65 -15.07
CA ALA B 312 10.60 -22.96 -14.44
C ALA B 312 9.53 -21.84 -14.59
N SER B 313 9.94 -20.63 -15.05
CA SER B 313 9.13 -19.42 -15.26
C SER B 313 7.73 -19.67 -15.82
N ILE B 314 6.69 -19.46 -15.00
CA ILE B 314 5.29 -19.62 -15.43
C ILE B 314 4.86 -18.36 -16.23
N GLU B 315 5.11 -18.40 -17.55
CA GLU B 315 4.90 -17.29 -18.48
C GLU B 315 3.46 -16.85 -18.84
N SER B 316 2.44 -17.72 -18.70
CA SER B 316 1.04 -17.38 -18.97
C SER B 316 0.06 -18.40 -18.38
N ILE B 317 -1.11 -17.92 -17.95
CA ILE B 317 -2.14 -18.77 -17.39
C ILE B 317 -3.47 -18.44 -18.08
N SER B 318 -4.26 -19.45 -18.47
CA SER B 318 -5.58 -19.24 -19.03
C SER B 318 -6.53 -20.28 -18.44
N TRP B 319 -7.84 -20.01 -18.46
CA TRP B 319 -8.86 -20.92 -17.92
C TRP B 319 -9.87 -21.32 -18.99
N SER B 320 -10.52 -22.48 -18.84
CA SER B 320 -11.53 -22.89 -19.82
C SER B 320 -12.94 -22.55 -19.39
N SER B 321 -13.41 -21.39 -19.88
CA SER B 321 -14.75 -20.82 -19.71
C SER B 321 -15.83 -21.91 -19.75
N LYS B 322 -15.74 -22.79 -20.75
CA LYS B 322 -16.69 -23.88 -20.98
C LYS B 322 -16.42 -25.08 -20.09
N PHE B 323 -15.22 -25.66 -20.19
CA PHE B 323 -14.93 -26.86 -19.44
C PHE B 323 -14.68 -26.67 -17.96
N SER B 324 -13.42 -26.82 -17.49
CA SER B 324 -12.98 -26.84 -16.09
C SER B 324 -11.52 -27.21 -16.14
N LEU B 325 -10.78 -26.42 -16.88
CA LEU B 325 -9.36 -26.64 -17.02
C LEU B 325 -8.60 -25.34 -16.80
N MET B 326 -7.27 -25.45 -16.70
CA MET B 326 -6.37 -24.30 -16.54
C MET B 326 -5.06 -24.68 -17.20
N ALA B 327 -4.49 -23.75 -17.96
CA ALA B 327 -3.25 -23.99 -18.69
C ALA B 327 -2.16 -23.12 -18.15
N ILE B 328 -0.97 -23.69 -18.01
CA ILE B 328 0.18 -22.93 -17.53
C ILE B 328 1.34 -23.07 -18.51
N GLY B 329 1.90 -21.95 -18.89
CA GLY B 329 2.98 -21.89 -19.86
C GLY B 329 4.33 -21.75 -19.22
N LEU B 330 5.33 -22.41 -19.79
CA LEU B 330 6.68 -22.40 -19.25
C LEU B 330 7.75 -21.75 -20.12
N VAL B 331 8.85 -21.31 -19.48
CA VAL B 331 9.99 -20.79 -20.22
C VAL B 331 10.72 -21.98 -20.89
N CYS B 332 10.82 -23.16 -20.19
CA CYS B 332 11.42 -24.38 -20.75
C CYS B 332 10.54 -24.89 -21.91
N GLY B 333 9.38 -24.24 -22.09
CA GLY B 333 8.44 -24.48 -23.16
C GLY B 333 7.49 -25.63 -22.96
N GLU B 334 7.13 -25.88 -21.70
CA GLU B 334 6.17 -26.93 -21.38
C GLU B 334 4.80 -26.28 -21.20
N ILE B 335 3.74 -27.07 -21.36
CA ILE B 335 2.37 -26.63 -21.11
C ILE B 335 1.72 -27.65 -20.20
N LEU B 336 1.33 -27.22 -18.99
CA LEU B 336 0.66 -28.12 -18.03
C LEU B 336 -0.80 -27.81 -18.01
N LEU B 337 -1.62 -28.74 -18.51
CA LEU B 337 -3.06 -28.59 -18.52
C LEU B 337 -3.52 -29.20 -17.23
N TYR B 338 -4.12 -28.38 -16.38
CA TYR B 338 -4.56 -28.77 -15.05
C TYR B 338 -6.08 -29.02 -14.98
N ASP B 339 -6.48 -30.04 -14.21
CA ASP B 339 -7.89 -30.33 -13.94
C ASP B 339 -8.23 -29.42 -12.74
N THR B 340 -9.00 -28.34 -12.97
CA THR B 340 -9.38 -27.35 -11.94
C THR B 340 -10.03 -27.88 -10.65
N SER B 341 -10.75 -29.00 -10.73
CA SER B 341 -11.38 -29.52 -9.54
C SER B 341 -10.34 -30.16 -8.60
N ALA B 342 -9.52 -31.10 -9.15
CA ALA B 342 -8.51 -31.91 -8.46
C ALA B 342 -7.11 -31.32 -8.30
N TRP B 343 -6.78 -30.26 -9.07
CA TRP B 343 -5.45 -29.64 -9.11
C TRP B 343 -4.33 -30.63 -9.49
N ARG B 344 -4.73 -31.61 -10.35
CA ARG B 344 -3.93 -32.65 -10.97
C ARG B 344 -3.69 -32.22 -12.39
N VAL B 345 -2.54 -32.56 -12.95
CA VAL B 345 -2.22 -32.23 -14.34
C VAL B 345 -2.78 -33.34 -15.25
N ARG B 346 -3.55 -32.96 -16.29
CA ARG B 346 -4.12 -33.91 -17.25
C ARG B 346 -3.17 -34.20 -18.43
N HIS B 347 -2.60 -33.14 -19.00
CA HIS B 347 -1.72 -33.24 -20.15
C HIS B 347 -0.54 -32.28 -20.01
N LYS B 348 0.59 -32.74 -20.54
CA LYS B 348 1.83 -32.00 -20.68
C LYS B 348 2.00 -31.87 -22.20
N PHE B 349 2.57 -30.77 -22.65
CA PHE B 349 2.81 -30.53 -24.06
C PHE B 349 4.17 -29.91 -24.05
N VAL B 350 5.15 -30.55 -24.66
CA VAL B 350 6.47 -29.96 -24.63
C VAL B 350 6.90 -29.37 -25.96
N LEU B 351 6.69 -28.02 -26.13
CA LEU B 351 7.08 -27.30 -27.35
C LEU B 351 8.58 -27.08 -27.37
N GLU B 352 9.16 -27.04 -28.60
CA GLU B 352 10.59 -26.88 -28.87
C GLU B 352 11.18 -25.62 -28.25
N ASP B 353 10.33 -24.61 -27.98
CA ASP B 353 10.75 -23.35 -27.38
C ASP B 353 9.74 -22.80 -26.41
N SER B 354 10.09 -21.67 -25.79
CA SER B 354 9.32 -20.93 -24.78
C SER B 354 7.89 -20.49 -25.17
N VAL B 355 6.95 -20.71 -24.25
CA VAL B 355 5.53 -20.34 -24.38
C VAL B 355 5.45 -18.85 -24.09
N THR B 356 4.73 -18.09 -24.92
CA THR B 356 4.63 -16.64 -24.71
C THR B 356 3.26 -16.19 -24.21
N LYS B 357 2.17 -16.86 -24.67
CA LYS B 357 0.79 -16.59 -24.29
C LYS B 357 -0.12 -17.80 -24.50
N LEU B 358 -1.03 -18.03 -23.54
CA LEU B 358 -2.00 -19.13 -23.61
C LEU B 358 -3.40 -18.56 -23.65
N MET B 359 -4.30 -19.25 -24.38
CA MET B 359 -5.69 -18.79 -24.56
C MET B 359 -6.69 -19.92 -24.72
N PHE B 360 -7.73 -19.93 -23.89
CA PHE B 360 -8.78 -20.90 -24.07
C PHE B 360 -9.90 -20.22 -24.79
N ASP B 361 -10.50 -20.93 -25.76
CA ASP B 361 -11.61 -20.49 -26.59
C ASP B 361 -12.48 -21.70 -26.99
N ASN B 362 -13.77 -21.67 -26.59
CA ASN B 362 -14.77 -22.73 -26.84
C ASN B 362 -14.31 -24.09 -26.29
N ASP B 363 -13.65 -24.89 -27.15
CA ASP B 363 -13.15 -26.22 -26.84
C ASP B 363 -11.67 -26.32 -26.97
N ASP B 364 -11.06 -25.34 -27.64
CA ASP B 364 -9.62 -25.39 -27.86
C ASP B 364 -8.82 -24.46 -27.02
N LEU B 365 -7.53 -24.78 -26.84
CA LEU B 365 -6.54 -23.96 -26.14
C LEU B 365 -5.42 -23.65 -27.14
N PHE B 366 -5.01 -22.37 -27.20
CA PHE B 366 -3.99 -21.90 -28.13
C PHE B 366 -2.72 -21.46 -27.40
N ALA B 367 -1.55 -21.71 -28.02
CA ALA B 367 -0.27 -21.32 -27.44
C ALA B 367 0.57 -20.61 -28.46
N SER B 368 1.22 -19.51 -28.06
CA SER B 368 2.11 -18.73 -28.93
C SER B 368 3.55 -19.04 -28.53
N CYS B 369 4.36 -19.45 -29.51
CA CYS B 369 5.74 -19.85 -29.26
C CYS B 369 6.79 -18.91 -29.73
N ILE B 370 7.89 -18.86 -28.96
CA ILE B 370 9.04 -18.06 -29.32
C ILE B 370 9.83 -18.60 -30.52
N ASN B 371 9.48 -19.84 -30.99
CA ASN B 371 10.05 -20.45 -32.18
C ASN B 371 9.41 -19.80 -33.41
N GLY B 372 8.27 -19.12 -33.19
CA GLY B 372 7.53 -18.38 -34.19
C GLY B 372 6.30 -19.07 -34.75
N LYS B 373 5.57 -19.77 -33.86
CA LYS B 373 4.38 -20.53 -34.23
C LYS B 373 3.28 -20.37 -33.20
N VAL B 374 2.05 -20.66 -33.62
CA VAL B 374 0.91 -20.68 -32.72
C VAL B 374 0.25 -22.05 -32.86
N TYR B 375 0.18 -22.77 -31.74
CA TYR B 375 -0.38 -24.11 -31.69
C TYR B 375 -1.80 -24.11 -31.12
N GLN B 376 -2.72 -24.83 -31.79
CA GLN B 376 -4.13 -24.97 -31.41
C GLN B 376 -4.40 -26.45 -31.03
N PHE B 377 -4.81 -26.69 -29.76
CA PHE B 377 -5.10 -28.05 -29.24
C PHE B 377 -6.52 -28.20 -28.75
N ASN B 378 -7.07 -29.43 -28.74
CA ASN B 378 -8.37 -29.67 -28.11
C ASN B 378 -8.03 -29.76 -26.63
N ALA B 379 -8.63 -28.86 -25.84
CA ALA B 379 -8.39 -28.76 -24.40
C ALA B 379 -8.69 -30.06 -23.71
N ARG B 380 -9.91 -30.55 -23.98
CA ARG B 380 -10.53 -31.72 -23.44
C ARG B 380 -9.68 -32.94 -23.76
N THR B 381 -9.46 -33.26 -25.07
CA THR B 381 -8.75 -34.45 -25.56
C THR B 381 -7.21 -34.38 -25.57
N GLY B 382 -6.69 -33.18 -25.47
CA GLY B 382 -5.25 -32.98 -25.51
C GLY B 382 -4.71 -32.95 -26.93
N GLN B 383 -5.43 -33.58 -27.90
CA GLN B 383 -4.99 -33.66 -29.29
C GLN B 383 -4.72 -32.33 -29.95
N GLU B 384 -3.72 -32.31 -30.86
CA GLU B 384 -3.32 -31.11 -31.62
C GLU B 384 -4.21 -30.99 -32.88
N LYS B 385 -4.76 -29.79 -33.11
CA LYS B 385 -5.64 -29.53 -34.26
C LYS B 385 -4.90 -28.90 -35.44
N PHE B 386 -4.46 -27.65 -35.29
CA PHE B 386 -3.85 -26.82 -36.32
C PHE B 386 -2.65 -26.02 -35.79
N VAL B 387 -1.71 -25.66 -36.68
CA VAL B 387 -0.48 -24.88 -36.35
C VAL B 387 -0.39 -23.61 -37.22
N CYS B 388 -0.11 -22.45 -36.60
CA CYS B 388 -0.02 -21.16 -37.28
C CYS B 388 1.46 -20.83 -37.58
N VAL B 389 1.89 -21.10 -38.82
CA VAL B 389 3.28 -20.87 -39.21
C VAL B 389 3.44 -19.73 -40.16
N GLY B 390 4.66 -19.28 -40.27
CA GLY B 390 5.02 -18.19 -41.17
C GLY B 390 6.13 -17.38 -40.57
N HIS B 391 5.93 -16.95 -39.30
CA HIS B 391 6.91 -16.18 -38.55
C HIS B 391 8.24 -16.93 -38.47
N ASN B 392 9.33 -16.23 -38.82
CA ASN B 392 10.72 -16.73 -38.76
C ASN B 392 11.19 -16.51 -37.33
N MET B 393 10.88 -15.32 -36.78
CA MET B 393 11.17 -14.90 -35.41
C MET B 393 9.94 -15.24 -34.56
N GLY B 394 10.09 -15.22 -33.25
CA GLY B 394 9.02 -15.56 -32.31
C GLY B 394 7.76 -14.73 -32.35
N VAL B 395 6.65 -15.36 -31.90
CA VAL B 395 5.33 -14.76 -31.73
C VAL B 395 5.26 -14.33 -30.29
N LEU B 396 5.26 -13.01 -30.07
CA LEU B 396 5.24 -12.40 -28.74
C LEU B 396 3.86 -12.35 -28.10
N ASP B 397 2.81 -12.06 -28.88
CA ASP B 397 1.44 -12.03 -28.40
C ASP B 397 0.48 -12.47 -29.49
N PHE B 398 -0.83 -12.50 -29.17
CA PHE B 398 -1.91 -12.84 -30.09
C PHE B 398 -3.30 -12.53 -29.54
N ILE B 399 -4.28 -12.66 -30.45
CA ILE B 399 -5.69 -12.45 -30.17
C ILE B 399 -6.55 -13.37 -30.99
N LEU B 400 -7.72 -13.69 -30.43
CA LEU B 400 -8.71 -14.51 -31.10
C LEU B 400 -9.85 -13.62 -31.54
N LEU B 401 -10.19 -13.66 -32.83
CA LEU B 401 -11.31 -12.89 -33.32
C LEU B 401 -12.38 -13.87 -33.76
N HIS B 402 -13.62 -13.56 -33.43
CA HIS B 402 -14.75 -14.40 -33.77
C HIS B 402 -15.56 -13.78 -34.86
N PRO B 403 -15.99 -14.58 -35.85
CA PRO B 403 -16.91 -14.05 -36.87
C PRO B 403 -18.13 -13.53 -36.11
N VAL B 404 -18.23 -12.19 -36.05
CA VAL B 404 -19.22 -11.35 -35.35
C VAL B 404 -20.63 -11.93 -35.20
N ALA B 405 -21.21 -12.41 -36.30
CA ALA B 405 -22.56 -12.95 -36.27
C ALA B 405 -22.78 -14.09 -37.24
N ASN B 406 -23.33 -15.20 -36.73
CA ASN B 406 -23.66 -16.38 -37.50
C ASN B 406 -25.09 -16.22 -38.02
N THR B 407 -25.21 -15.72 -39.26
CA THR B 407 -26.51 -15.47 -39.90
C THR B 407 -27.18 -16.81 -40.15
N GLY B 408 -26.47 -17.66 -40.89
CA GLY B 408 -26.84 -19.03 -41.26
C GLY B 408 -25.58 -19.84 -41.46
N THR B 409 -24.69 -19.32 -42.32
CA THR B 409 -23.39 -19.88 -42.62
C THR B 409 -22.44 -19.45 -41.50
N GLU B 410 -21.82 -20.43 -40.77
CA GLU B 410 -20.87 -20.08 -39.69
C GLU B 410 -19.40 -20.13 -40.17
N GLN B 411 -18.57 -19.13 -39.77
CA GLN B 411 -17.19 -19.00 -40.26
C GLN B 411 -16.10 -19.33 -39.24
N LYS B 412 -14.87 -19.59 -39.77
CA LYS B 412 -13.69 -19.93 -38.97
C LYS B 412 -13.19 -18.72 -38.19
N ARG B 413 -12.80 -18.93 -36.93
CA ARG B 413 -12.25 -17.87 -36.07
C ARG B 413 -10.95 -17.30 -36.67
N LYS B 414 -10.43 -16.24 -36.07
CA LYS B 414 -9.21 -15.63 -36.55
C LYS B 414 -8.16 -15.51 -35.46
N VAL B 415 -6.90 -15.70 -35.85
CA VAL B 415 -5.76 -15.51 -34.99
C VAL B 415 -4.93 -14.38 -35.59
N ILE B 416 -4.74 -13.29 -34.82
CA ILE B 416 -3.88 -12.18 -35.24
C ILE B 416 -2.70 -12.16 -34.30
N THR B 417 -1.47 -12.25 -34.86
CA THR B 417 -0.23 -12.35 -34.09
C THR B 417 0.61 -11.10 -34.02
N ALA B 418 1.32 -10.94 -32.90
CA ALA B 418 2.29 -9.87 -32.65
C ALA B 418 3.67 -10.56 -32.68
N GLY B 419 4.46 -10.29 -33.70
CA GLY B 419 5.77 -10.91 -33.89
C GLY B 419 6.96 -10.04 -33.57
N ASP B 420 8.09 -10.68 -33.22
CA ASP B 420 9.38 -10.07 -32.87
C ASP B 420 10.13 -9.49 -34.11
N GLU B 421 9.73 -9.91 -35.33
CA GLU B 421 10.34 -9.40 -36.55
C GLU B 421 9.65 -8.10 -37.04
N GLY B 422 8.73 -7.57 -36.22
CA GLY B 422 7.98 -6.35 -36.52
C GLY B 422 6.88 -6.58 -37.54
N VAL B 423 6.34 -7.82 -37.52
CA VAL B 423 5.30 -8.36 -38.42
C VAL B 423 4.09 -8.88 -37.66
N SER B 424 2.93 -8.80 -38.32
CA SER B 424 1.65 -9.27 -37.80
C SER B 424 0.99 -10.16 -38.86
N LEU B 425 0.44 -11.32 -38.45
CA LEU B 425 -0.21 -12.25 -39.39
C LEU B 425 -1.63 -12.66 -38.94
N VAL B 426 -2.57 -12.73 -39.90
CA VAL B 426 -3.97 -13.13 -39.68
C VAL B 426 -4.07 -14.60 -40.06
N PHE B 427 -4.71 -15.40 -39.21
CA PHE B 427 -4.88 -16.83 -39.47
C PHE B 427 -6.33 -17.26 -39.29
N GLU B 428 -6.79 -18.16 -40.17
CA GLU B 428 -8.13 -18.75 -40.11
C GLU B 428 -7.96 -20.05 -39.31
N VAL B 429 -8.62 -20.17 -38.16
CA VAL B 429 -8.50 -21.38 -37.35
C VAL B 429 -9.74 -22.25 -37.35
N PRO B 430 -9.54 -23.58 -37.51
CA PRO B 430 -10.67 -24.53 -37.53
C PRO B 430 -11.71 -24.43 -36.41
N ASN B 431 -13.01 -24.61 -36.80
CA ASN B 431 -14.31 -24.56 -36.08
C ASN B 431 -15.14 -23.37 -36.57
#